data_3FNQ
#
_entry.id   3FNQ
#
_cell.length_a   47.941
_cell.length_b   118.208
_cell.length_c   129.830
_cell.angle_alpha   90.00
_cell.angle_beta   90.00
_cell.angle_gamma   90.00
#
_symmetry.space_group_name_H-M   'P 21 21 21'
#
loop_
_entity.id
_entity.type
_entity.pdbx_description
1 polymer 'Purine-nucleoside phosphorylase'
2 non-polymer HYPOXANTHINE
3 non-polymer 'SULFATE ION'
4 non-polymer 'DIMETHYL SULFOXIDE'
5 water water
#
_entity_poly.entity_id   1
_entity_poly.type   'polypeptide(L)'
_entity_poly.pdbx_seq_one_letter_code
;MHESVTANIENVKKVAHHIQKLTSIVPEIGIICGSGLGKLADGVKDKITIPYTKIPNFPQTSVVGHSGNLIFGTLSGRKV
VVMQGRFHMYEGYSNDTVALPIRVMKLLGVKILMVSNAAGGLNRSLKLGDFVILKDHIYLPGLGLNNILVGPNQEAFGTR
FPALSNAYDRDLRKLAVQVAEENGFGNLVHQGVYVMNGGPCYETPAECTMLLNMGCDVVGMSTIPEVVIARHCGIQVFAV
SLVTNISVLDVESDLKPNHEEVLATGAQRAELMQSWFEKIIEKLPKD
;
_entity_poly.pdbx_strand_id   A,B,C
#
loop_
_chem_comp.id
_chem_comp.type
_chem_comp.name
_chem_comp.formula
DMS non-polymer 'DIMETHYL SULFOXIDE' 'C2 H6 O S'
HPA non-polymer HYPOXANTHINE 'C5 H4 N4 O'
SO4 non-polymer 'SULFATE ION' 'O4 S -2'
#
# COMPACT_ATOMS: atom_id res chain seq x y z
N SER A 4 -2.04 1.61 -21.29
CA SER A 4 -0.98 2.55 -21.64
C SER A 4 0.20 1.83 -22.28
N VAL A 5 1.05 2.58 -22.96
CA VAL A 5 2.22 2.01 -23.63
C VAL A 5 3.38 1.88 -22.64
N THR A 6 4.10 0.78 -22.71
CA THR A 6 5.17 0.50 -21.76
C THR A 6 6.26 1.57 -21.84
N ALA A 7 6.71 2.02 -20.68
CA ALA A 7 7.75 3.04 -20.62
C ALA A 7 9.11 2.41 -20.82
N ASN A 8 9.22 1.61 -21.88
CA ASN A 8 10.49 0.97 -22.22
C ASN A 8 11.29 1.86 -23.16
N ILE A 9 12.55 1.48 -23.40
CA ILE A 9 13.42 2.33 -24.18
C ILE A 9 12.92 2.47 -25.62
N GLU A 10 12.34 1.41 -26.18
CA GLU A 10 11.82 1.47 -27.54
C GLU A 10 10.72 2.52 -27.64
N ASN A 11 9.73 2.41 -26.77
CA ASN A 11 8.61 3.36 -26.79
C ASN A 11 9.01 4.77 -26.41
N VAL A 12 9.86 4.88 -25.39
CA VAL A 12 10.31 6.20 -24.96
C VAL A 12 11.12 6.87 -26.06
N LYS A 13 12.02 6.12 -26.68
CA LYS A 13 12.77 6.63 -27.82
C LYS A 13 11.84 7.17 -28.89
N LYS A 14 10.80 6.39 -29.21
CA LYS A 14 9.87 6.78 -30.26
C LYS A 14 9.21 8.11 -29.92
N VAL A 15 8.84 8.27 -28.66
CA VAL A 15 8.19 9.51 -28.24
C VAL A 15 9.17 10.68 -28.27
N ALA A 16 10.36 10.47 -27.70
CA ALA A 16 11.40 11.48 -27.72
C ALA A 16 11.70 11.90 -29.15
N HIS A 17 11.89 10.91 -30.02
CA HIS A 17 12.21 11.18 -31.42
C HIS A 17 11.12 11.99 -32.11
N HIS A 18 9.86 11.67 -31.83
CA HIS A 18 8.79 12.47 -32.40
C HIS A 18 8.90 13.91 -31.91
N ILE A 19 9.22 14.06 -30.63
CA ILE A 19 9.31 15.38 -30.03
C ILE A 19 10.48 16.17 -30.59
N GLN A 20 11.60 15.49 -30.82
CA GLN A 20 12.79 16.11 -31.36
C GLN A 20 12.57 16.64 -32.78
N LYS A 21 11.54 16.12 -33.44
CA LYS A 21 11.17 16.61 -34.77
C LYS A 21 10.28 17.83 -34.66
N LEU A 22 9.83 18.13 -33.44
CA LEU A 22 8.95 19.26 -33.20
C LEU A 22 9.69 20.44 -32.58
N THR A 23 10.89 20.20 -32.07
CA THR A 23 11.67 21.25 -31.44
C THR A 23 13.17 21.03 -31.60
N SER A 24 13.93 22.12 -31.67
CA SER A 24 15.38 22.05 -31.76
C SER A 24 16.00 22.29 -30.39
N ILE A 25 15.16 22.37 -29.38
CA ILE A 25 15.59 22.63 -28.01
C ILE A 25 15.91 21.35 -27.26
N VAL A 26 17.16 21.21 -26.86
CA VAL A 26 17.59 20.08 -26.03
C VAL A 26 17.52 20.50 -24.57
N PRO A 27 16.48 20.06 -23.86
CA PRO A 27 16.25 20.54 -22.51
C PRO A 27 17.27 19.94 -21.56
N GLU A 28 17.85 20.75 -20.68
CA GLU A 28 18.75 20.20 -19.69
C GLU A 28 18.07 20.20 -18.33
N ILE A 29 16.97 20.94 -18.24
CA ILE A 29 16.17 20.97 -17.03
C ILE A 29 14.73 20.63 -17.38
N GLY A 30 14.17 19.69 -16.63
CA GLY A 30 12.77 19.36 -16.74
C GLY A 30 12.07 20.00 -15.57
N ILE A 31 10.93 20.61 -15.85
CA ILE A 31 10.16 21.23 -14.79
C ILE A 31 8.77 20.64 -14.85
N ILE A 32 8.33 20.08 -13.73
CA ILE A 32 6.97 19.62 -13.64
C ILE A 32 6.23 20.65 -12.83
N CYS A 33 5.32 21.36 -13.49
CA CYS A 33 4.57 22.40 -12.83
C CYS A 33 3.53 21.79 -11.93
N GLY A 34 3.66 22.07 -10.64
CA GLY A 34 2.65 21.70 -9.69
C GLY A 34 2.14 23.00 -9.11
N SER A 35 1.62 22.94 -7.89
CA SER A 35 1.14 24.12 -7.21
C SER A 35 2.19 25.22 -7.27
N GLY A 36 1.74 26.44 -7.58
CA GLY A 36 2.61 27.60 -7.56
C GLY A 36 3.45 27.79 -8.80
N LEU A 37 3.29 26.93 -9.80
CA LEU A 37 4.09 27.03 -11.02
C LEU A 37 3.26 27.32 -12.27
N GLY A 38 2.16 28.04 -12.08
CA GLY A 38 1.30 28.42 -13.19
C GLY A 38 1.98 29.39 -14.14
N LYS A 39 2.51 30.49 -13.59
CA LYS A 39 3.11 31.54 -14.39
C LYS A 39 4.56 31.28 -14.78
N LEU A 40 4.95 30.01 -14.81
CA LEU A 40 6.31 29.65 -15.19
C LEU A 40 6.47 29.55 -16.70
N ALA A 41 5.49 28.93 -17.35
CA ALA A 41 5.51 28.78 -18.81
C ALA A 41 5.67 30.14 -19.49
N ASP A 42 5.05 31.17 -18.91
CA ASP A 42 5.12 32.51 -19.46
C ASP A 42 6.56 33.01 -19.55
N GLY A 43 7.35 32.68 -18.53
CA GLY A 43 8.73 33.15 -18.45
C GLY A 43 9.68 32.42 -19.39
N VAL A 44 9.19 31.38 -20.03
CA VAL A 44 10.02 30.61 -20.96
C VAL A 44 10.18 31.31 -22.30
N LYS A 45 11.42 31.55 -22.71
CA LYS A 45 11.69 32.23 -23.96
C LYS A 45 12.03 31.24 -25.07
N ASP A 46 12.03 31.71 -26.31
CA ASP A 46 12.25 30.85 -27.47
C ASP A 46 11.44 29.57 -27.31
N LYS A 47 10.21 29.72 -26.85
CA LYS A 47 9.43 28.55 -26.45
C LYS A 47 8.53 27.99 -27.53
N ILE A 48 8.38 26.67 -27.51
CA ILE A 48 7.38 25.98 -28.31
C ILE A 48 6.48 25.16 -27.39
N THR A 49 5.18 25.31 -27.55
CA THR A 49 4.22 24.57 -26.75
C THR A 49 3.72 23.37 -27.53
N ILE A 50 4.05 22.18 -27.05
CA ILE A 50 3.63 20.96 -27.72
C ILE A 50 2.55 20.27 -26.90
N PRO A 51 1.30 20.35 -27.36
CA PRO A 51 0.22 19.66 -26.66
C PRO A 51 0.49 18.17 -26.64
N TYR A 52 0.18 17.52 -25.53
CA TYR A 52 0.38 16.08 -25.43
C TYR A 52 -0.34 15.39 -26.59
N THR A 53 -1.48 15.95 -26.98
CA THR A 53 -2.28 15.42 -28.08
C THR A 53 -1.51 15.31 -29.38
N LYS A 54 -0.44 16.10 -29.51
CA LYS A 54 0.36 16.12 -30.71
C LYS A 54 1.48 15.09 -30.68
N ILE A 55 1.66 14.44 -29.54
CA ILE A 55 2.76 13.49 -29.38
C ILE A 55 2.22 12.07 -29.28
N PRO A 56 2.43 11.27 -30.33
CA PRO A 56 1.94 9.89 -30.35
C PRO A 56 2.48 9.11 -29.16
N ASN A 57 1.59 8.38 -28.49
CA ASN A 57 1.97 7.52 -27.38
C ASN A 57 2.42 8.25 -26.13
N PHE A 58 2.46 9.57 -26.18
CA PHE A 58 2.63 10.35 -24.95
C PHE A 58 1.29 10.28 -24.24
N PRO A 59 1.32 10.18 -22.90
CA PRO A 59 0.06 10.11 -22.14
C PRO A 59 -0.76 11.38 -22.29
N GLN A 60 -2.07 11.27 -22.13
CA GLN A 60 -2.96 12.41 -22.32
C GLN A 60 -3.66 12.81 -21.04
N THR A 61 -3.63 14.10 -20.72
CA THR A 61 -4.31 14.62 -19.53
C THR A 61 -4.72 16.07 -19.72
N SER A 62 -5.50 16.59 -18.78
CA SER A 62 -5.97 17.97 -18.84
C SER A 62 -5.24 18.85 -17.82
N HIS A 66 -8.42 21.37 -21.22
CA HIS A 66 -7.40 21.52 -22.24
C HIS A 66 -6.28 20.51 -22.06
N SER A 67 -5.77 19.98 -23.18
CA SER A 67 -4.69 19.01 -23.15
C SER A 67 -3.47 19.53 -22.39
N GLY A 68 -2.74 18.62 -21.77
CA GLY A 68 -1.47 18.98 -21.17
C GLY A 68 -0.51 19.42 -22.26
N ASN A 69 0.51 20.17 -21.87
CA ASN A 69 1.48 20.69 -22.83
C ASN A 69 2.90 20.38 -22.41
N LEU A 70 3.74 20.06 -23.40
CA LEU A 70 5.17 19.97 -23.19
C LEU A 70 5.75 21.27 -23.74
N ILE A 71 6.26 22.10 -22.85
CA ILE A 71 6.74 23.41 -23.23
C ILE A 71 8.25 23.45 -23.22
N PHE A 72 8.84 23.66 -24.40
CA PHE A 72 10.29 23.76 -24.52
C PHE A 72 10.68 25.21 -24.71
N GLY A 73 11.88 25.55 -24.27
CA GLY A 73 12.40 26.88 -24.45
C GLY A 73 13.53 27.16 -23.50
N THR A 74 13.79 28.44 -23.29
CA THR A 74 14.89 28.87 -22.45
C THR A 74 14.35 29.59 -21.23
N LEU A 75 14.84 29.21 -20.06
CA LEU A 75 14.43 29.85 -18.82
C LEU A 75 15.69 30.18 -18.04
N SER A 76 15.86 31.47 -17.72
CA SER A 76 17.05 31.90 -17.01
C SER A 76 18.30 31.41 -17.73
N GLY A 77 18.31 31.53 -19.05
CA GLY A 77 19.46 31.16 -19.86
C GLY A 77 19.63 29.68 -20.08
N ARG A 78 18.71 28.87 -19.54
CA ARG A 78 18.85 27.42 -19.62
C ARG A 78 17.75 26.77 -20.44
N LYS A 79 18.10 25.71 -21.15
CA LYS A 79 17.15 24.98 -21.97
C LYS A 79 16.30 24.13 -21.05
N VAL A 80 14.99 24.32 -21.12
CA VAL A 80 14.09 23.61 -20.24
C VAL A 80 12.98 22.95 -21.04
N VAL A 81 12.44 21.88 -20.49
CA VAL A 81 11.16 21.38 -20.91
C VAL A 81 10.24 21.42 -19.70
N VAL A 82 9.09 22.05 -19.88
CA VAL A 82 8.15 22.21 -18.78
C VAL A 82 6.92 21.35 -19.04
N MET A 83 6.61 20.48 -18.08
CA MET A 83 5.41 19.68 -18.17
C MET A 83 4.24 20.44 -17.59
N GLN A 84 3.31 20.81 -18.46
CA GLN A 84 2.08 21.46 -18.04
C GLN A 84 0.97 20.44 -18.14
N GLY A 85 0.62 19.86 -16.99
CA GLY A 85 -0.30 18.74 -16.96
C GLY A 85 0.46 17.52 -16.52
N ARG A 86 0.14 17.03 -15.32
CA ARG A 86 0.84 15.88 -14.78
C ARG A 86 -0.14 14.74 -14.59
N PHE A 87 0.40 13.57 -14.29
CA PHE A 87 -0.41 12.37 -14.20
C PHE A 87 -0.36 11.84 -12.79
N HIS A 88 -1.44 12.06 -12.06
CA HIS A 88 -1.50 11.69 -10.67
C HIS A 88 -2.11 10.32 -10.54
N MET A 89 -1.53 9.50 -9.68
CA MET A 89 -1.94 8.12 -9.59
C MET A 89 -3.40 7.99 -9.15
N TYR A 90 -3.88 8.92 -8.33
CA TYR A 90 -5.28 8.84 -7.89
C TYR A 90 -6.25 8.94 -9.06
N GLU A 91 -5.77 9.46 -10.20
CA GLU A 91 -6.62 9.59 -11.38
C GLU A 91 -6.78 8.24 -12.06
N GLY A 92 -5.96 7.28 -11.65
CA GLY A 92 -6.01 5.94 -12.20
C GLY A 92 -4.97 5.71 -13.29
N TYR A 93 -4.07 6.66 -13.46
CA TYR A 93 -3.00 6.50 -14.44
C TYR A 93 -2.08 5.36 -14.04
N SER A 94 -1.53 4.69 -15.05
CA SER A 94 -0.65 3.56 -14.84
C SER A 94 0.75 4.03 -14.49
N ASN A 95 1.54 3.11 -13.95
CA ASN A 95 2.95 3.38 -13.70
C ASN A 95 3.66 3.81 -14.97
N ASP A 96 3.38 3.09 -16.06
CA ASP A 96 4.01 3.39 -17.34
C ASP A 96 3.63 4.78 -17.82
N THR A 97 2.37 5.15 -17.61
CA THR A 97 1.91 6.48 -18.01
C THR A 97 2.66 7.56 -17.28
N VAL A 98 2.76 7.43 -15.96
CA VAL A 98 3.49 8.40 -15.18
C VAL A 98 4.98 8.38 -15.53
N ALA A 99 5.53 7.19 -15.71
CA ALA A 99 6.97 7.05 -15.97
C ALA A 99 7.42 7.58 -17.32
N LEU A 100 6.59 7.41 -18.34
CA LEU A 100 7.03 7.71 -19.70
C LEU A 100 7.52 9.15 -19.88
N PRO A 101 6.73 10.14 -19.46
CA PRO A 101 7.17 11.54 -19.63
C PRO A 101 8.54 11.81 -18.99
N ILE A 102 8.80 11.24 -17.83
CA ILE A 102 10.09 11.45 -17.17
C ILE A 102 11.20 10.78 -17.96
N ARG A 103 10.91 9.59 -18.46
CA ARG A 103 11.91 8.87 -19.23
C ARG A 103 12.12 9.55 -20.57
N VAL A 104 11.07 10.15 -21.10
CA VAL A 104 11.22 10.95 -22.30
C VAL A 104 12.14 12.13 -22.00
N MET A 105 11.88 12.82 -20.90
CA MET A 105 12.77 13.89 -20.48
C MET A 105 14.21 13.43 -20.48
N LYS A 106 14.44 12.26 -19.91
CA LYS A 106 15.79 11.71 -19.85
C LYS A 106 16.39 11.63 -21.26
N LEU A 107 15.64 11.03 -22.19
CA LEU A 107 16.14 10.90 -23.56
C LEU A 107 16.32 12.27 -24.22
N LEU A 108 15.47 13.23 -23.87
CA LEU A 108 15.56 14.55 -24.46
C LEU A 108 16.79 15.31 -23.99
N GLY A 109 17.39 14.83 -22.90
CA GLY A 109 18.62 15.43 -22.39
C GLY A 109 18.51 16.04 -21.00
N VAL A 110 17.35 15.87 -20.38
CA VAL A 110 17.13 16.46 -19.07
C VAL A 110 18.08 15.86 -18.04
N LYS A 111 18.75 16.74 -17.28
CA LYS A 111 19.71 16.33 -16.28
C LYS A 111 19.19 16.64 -14.89
N ILE A 112 18.31 17.62 -14.80
CA ILE A 112 17.72 18.00 -13.53
C ILE A 112 16.22 18.14 -13.72
N LEU A 113 15.48 17.55 -12.79
CA LEU A 113 14.04 17.68 -12.77
C LEU A 113 13.66 18.57 -11.61
N MET A 114 12.92 19.63 -11.88
CA MET A 114 12.43 20.49 -10.84
C MET A 114 10.94 20.34 -10.77
N VAL A 115 10.42 20.07 -9.59
CA VAL A 115 9.00 19.85 -9.47
C VAL A 115 8.43 20.55 -8.25
N SER A 116 7.26 21.13 -8.44
CA SER A 116 6.54 21.69 -7.32
C SER A 116 5.28 20.85 -7.15
N ASN A 117 4.78 20.84 -5.93
CA ASN A 117 3.48 20.23 -5.70
C ASN A 117 2.81 20.96 -4.57
N ALA A 118 1.53 20.68 -4.37
CA ALA A 118 0.80 21.18 -3.23
C ALA A 118 0.82 20.11 -2.17
N ALA A 119 0.99 20.50 -0.91
CA ALA A 119 1.00 19.50 0.15
C ALA A 119 0.35 20.06 1.40
N GLY A 120 -0.18 19.17 2.24
CA GLY A 120 -0.70 19.56 3.53
C GLY A 120 0.46 19.66 4.50
N GLY A 121 0.45 20.70 5.33
CA GLY A 121 1.51 20.85 6.30
C GLY A 121 1.21 20.04 7.54
N LEU A 122 1.99 18.98 7.75
CA LEU A 122 1.83 18.14 8.92
C LEU A 122 2.65 18.74 10.04
N ASN A 123 3.91 19.00 9.73
CA ASN A 123 4.81 19.61 10.69
C ASN A 123 4.14 20.85 11.26
N ARG A 124 4.06 20.93 12.59
CA ARG A 124 3.27 21.96 13.25
C ARG A 124 3.91 23.34 13.20
N SER A 125 5.15 23.41 12.73
CA SER A 125 5.86 24.69 12.64
C SER A 125 5.64 25.30 11.26
N LEU A 126 5.07 24.52 10.35
CA LEU A 126 4.80 25.01 9.02
C LEU A 126 3.65 26.02 9.01
N LYS A 127 3.78 27.02 8.16
CA LYS A 127 2.70 27.98 7.95
C LYS A 127 2.12 27.82 6.55
N LEU A 128 0.85 28.16 6.43
CA LEU A 128 0.21 28.23 5.12
C LEU A 128 1.09 29.06 4.18
N GLY A 129 1.34 28.52 2.99
CA GLY A 129 2.13 29.24 2.00
C GLY A 129 3.63 29.05 2.14
N ASP A 130 4.05 28.26 3.12
CA ASP A 130 5.47 27.97 3.25
C ASP A 130 5.90 27.08 2.09
N PHE A 131 7.19 27.11 1.79
CA PHE A 131 7.76 26.16 0.85
C PHE A 131 8.49 25.12 1.66
N VAL A 132 8.22 23.86 1.37
CA VAL A 132 8.95 22.78 1.99
C VAL A 132 9.68 22.06 0.89
N ILE A 133 10.97 22.35 0.79
CA ILE A 133 11.83 21.63 -0.12
C ILE A 133 11.87 20.19 0.35
N LEU A 134 11.59 19.26 -0.54
CA LEU A 134 11.69 17.87 -0.17
C LEU A 134 13.15 17.54 0.01
N LYS A 135 13.50 17.04 1.19
CA LYS A 135 14.84 16.51 1.36
C LYS A 135 14.74 15.00 1.41
N ASP A 136 13.53 14.49 1.57
CA ASP A 136 13.33 13.05 1.57
C ASP A 136 11.85 12.78 1.42
N HIS A 137 11.49 11.51 1.28
CA HIS A 137 10.09 11.17 1.18
C HIS A 137 9.77 9.84 1.81
N ILE A 138 8.48 9.63 2.01
CA ILE A 138 7.99 8.33 2.40
C ILE A 138 6.95 7.99 1.37
N TYR A 139 7.22 6.91 0.66
CA TYR A 139 6.46 6.56 -0.52
C TYR A 139 5.51 5.47 -0.08
N LEU A 140 4.42 5.86 0.56
CA LEU A 140 3.54 4.85 1.15
C LEU A 140 3.05 3.85 0.10
N PRO A 141 2.61 4.34 -1.07
CA PRO A 141 2.24 3.39 -2.12
C PRO A 141 3.40 2.48 -2.51
N GLY A 142 4.60 3.02 -2.61
CA GLY A 142 5.76 2.23 -2.98
C GLY A 142 6.06 1.13 -1.97
N LEU A 143 5.95 1.46 -0.69
CA LEU A 143 6.20 0.47 0.36
C LEU A 143 5.16 -0.63 0.30
N GLY A 144 3.97 -0.27 -0.15
CA GLY A 144 2.83 -1.18 -0.13
C GLY A 144 2.59 -1.89 -1.43
N LEU A 145 3.63 -1.96 -2.27
CA LEU A 145 3.59 -2.72 -3.52
C LEU A 145 2.98 -1.95 -4.69
N ASN A 146 2.82 -0.63 -4.52
CA ASN A 146 2.40 0.19 -5.64
C ASN A 146 3.49 1.15 -6.08
N ASN A 147 4.74 0.74 -5.88
CA ASN A 147 5.85 1.51 -6.40
C ASN A 147 5.76 1.61 -7.93
N ILE A 148 6.03 2.78 -8.46
CA ILE A 148 5.92 3.02 -9.90
C ILE A 148 6.85 2.09 -10.70
N LEU A 149 7.89 1.58 -10.04
CA LEU A 149 8.88 0.73 -10.70
C LEU A 149 8.54 -0.74 -10.64
N VAL A 150 7.43 -1.08 -9.98
CA VAL A 150 7.02 -2.48 -9.96
C VAL A 150 6.81 -2.96 -11.39
N GLY A 151 7.32 -4.14 -11.69
CA GLY A 151 7.26 -4.66 -13.04
C GLY A 151 8.68 -4.88 -13.53
N PRO A 152 8.82 -5.40 -14.75
CA PRO A 152 10.16 -5.65 -15.25
C PRO A 152 10.94 -4.35 -15.23
N ASN A 153 12.21 -4.42 -14.85
CA ASN A 153 13.03 -3.24 -14.83
C ASN A 153 13.44 -2.86 -16.24
N GLN A 154 13.31 -1.59 -16.58
CA GLN A 154 13.74 -1.13 -17.89
C GLN A 154 15.22 -0.77 -17.80
N GLU A 155 16.07 -1.72 -18.18
CA GLU A 155 17.50 -1.59 -17.95
C GLU A 155 18.17 -0.44 -18.67
N ALA A 156 17.63 -0.02 -19.81
CA ALA A 156 18.20 1.10 -20.53
C ALA A 156 18.11 2.36 -19.68
N PHE A 157 17.16 2.37 -18.74
CA PHE A 157 16.94 3.55 -17.91
C PHE A 157 17.63 3.49 -16.57
N GLY A 158 17.62 2.33 -15.94
CA GLY A 158 18.21 2.25 -14.63
C GLY A 158 18.29 0.85 -14.06
N THR A 159 18.68 0.78 -12.79
CA THR A 159 18.98 -0.49 -12.16
C THR A 159 17.70 -1.05 -11.55
N ARG A 160 17.71 -2.34 -11.29
CA ARG A 160 16.55 -3.02 -10.76
C ARG A 160 16.13 -2.44 -9.41
N PHE A 161 17.13 -2.21 -8.55
CA PHE A 161 16.90 -1.71 -7.19
C PHE A 161 17.58 -0.37 -6.98
N PRO A 162 16.94 0.71 -7.42
CA PRO A 162 17.54 2.03 -7.26
C PRO A 162 17.59 2.41 -5.81
N ALA A 163 18.70 3.00 -5.39
CA ALA A 163 18.78 3.58 -4.07
C ALA A 163 18.19 4.96 -4.16
N LEU A 164 17.68 5.47 -3.06
CA LEU A 164 17.06 6.78 -3.06
C LEU A 164 17.76 7.73 -2.09
N SER A 165 19.04 7.48 -1.83
CA SER A 165 19.77 8.13 -0.73
C SER A 165 19.86 9.67 -0.73
N ASN A 166 20.18 10.23 -1.90
CA ASN A 166 20.33 11.67 -2.11
C ASN A 166 19.31 11.99 -3.20
N ALA A 167 18.16 11.34 -3.11
CA ALA A 167 17.13 11.50 -4.12
C ALA A 167 16.82 12.96 -4.38
N TYR A 168 16.74 13.74 -3.30
CA TYR A 168 16.49 15.16 -3.42
C TYR A 168 17.83 15.82 -3.29
N ASP A 169 18.44 16.03 -4.47
CA ASP A 169 19.84 16.39 -4.56
C ASP A 169 20.19 17.44 -3.54
N ARG A 170 21.13 17.12 -2.65
CA ARG A 170 21.48 18.03 -1.59
C ARG A 170 22.03 19.35 -2.15
N ASP A 171 22.78 19.28 -3.24
CA ASP A 171 23.33 20.51 -3.82
C ASP A 171 22.25 21.44 -4.32
N LEU A 172 21.22 20.86 -4.95
CA LEU A 172 20.11 21.66 -5.44
C LEU A 172 19.33 22.24 -4.28
N ARG A 173 19.13 21.42 -3.24
CA ARG A 173 18.46 21.91 -2.03
C ARG A 173 19.21 23.08 -1.42
N LYS A 174 20.53 22.95 -1.29
CA LYS A 174 21.35 24.02 -0.74
C LYS A 174 21.21 25.28 -1.58
N LEU A 175 21.27 25.11 -2.90
CA LEU A 175 21.15 26.23 -3.82
C LEU A 175 19.78 26.90 -3.70
N ALA A 176 18.73 26.08 -3.67
CA ALA A 176 17.36 26.59 -3.58
C ALA A 176 17.22 27.44 -2.32
N VAL A 177 17.76 26.94 -1.22
CA VAL A 177 17.70 27.65 0.06
C VAL A 177 18.47 28.94 0.00
N GLN A 178 19.66 28.89 -0.58
CA GLN A 178 20.48 30.08 -0.73
C GLN A 178 19.77 31.12 -1.60
N VAL A 179 19.18 30.67 -2.70
CA VAL A 179 18.43 31.56 -3.57
C VAL A 179 17.28 32.22 -2.81
N ALA A 180 16.51 31.43 -2.07
CA ALA A 180 15.42 31.97 -1.29
C ALA A 180 15.92 33.02 -0.31
N GLU A 181 17.01 32.70 0.40
CA GLU A 181 17.55 33.61 1.41
C GLU A 181 18.10 34.91 0.84
N GLU A 182 18.88 34.82 -0.23
CA GLU A 182 19.42 36.04 -0.81
C GLU A 182 18.31 36.87 -1.45
N ASN A 183 17.19 36.22 -1.77
CA ASN A 183 16.07 36.93 -2.37
C ASN A 183 14.98 37.30 -1.37
N GLY A 184 15.31 37.18 -0.10
CA GLY A 184 14.46 37.71 0.95
C GLY A 184 13.23 36.90 1.33
N PHE A 185 13.14 35.66 0.88
CA PHE A 185 12.04 34.81 1.32
C PHE A 185 12.54 33.51 1.95
N GLY A 186 13.77 33.56 2.47
CA GLY A 186 14.33 32.42 3.17
C GLY A 186 13.44 31.97 4.31
N ASN A 187 12.70 32.91 4.89
CA ASN A 187 11.84 32.62 6.03
C ASN A 187 10.65 31.76 5.66
N LEU A 188 10.35 31.68 4.36
CA LEU A 188 9.24 30.86 3.90
C LEU A 188 9.68 29.43 3.65
N VAL A 189 11.00 29.22 3.63
CA VAL A 189 11.52 27.96 3.12
C VAL A 189 11.94 26.99 4.20
N HIS A 190 11.39 25.79 4.10
CA HIS A 190 11.77 24.71 4.99
C HIS A 190 12.27 23.58 4.13
N GLN A 191 12.86 22.59 4.78
CA GLN A 191 13.15 21.34 4.11
C GLN A 191 12.48 20.30 4.96
N GLY A 192 11.92 19.29 4.32
CA GLY A 192 11.17 18.32 5.09
C GLY A 192 10.93 17.05 4.34
N VAL A 193 10.24 16.15 5.01
CA VAL A 193 9.93 14.87 4.42
C VAL A 193 8.53 14.91 3.89
N TYR A 194 8.39 14.52 2.63
CA TYR A 194 7.10 14.49 1.97
C TYR A 194 6.60 13.07 2.00
N VAL A 195 5.36 12.88 2.45
CA VAL A 195 4.80 11.55 2.38
C VAL A 195 3.70 11.57 1.35
N MET A 196 3.67 10.52 0.54
CA MET A 196 2.65 10.39 -0.46
C MET A 196 1.49 9.55 0.04
N ASN A 197 0.32 10.17 0.02
CA ASN A 197 -0.93 9.49 0.17
C ASN A 197 -1.46 9.28 -1.24
N GLY A 198 -1.70 8.03 -1.63
CA GLY A 198 -2.22 7.74 -2.95
C GLY A 198 -3.39 8.64 -3.27
N GLY A 199 -4.21 8.92 -2.25
CA GLY A 199 -5.38 9.77 -2.44
C GLY A 199 -6.49 9.05 -3.16
N PRO A 200 -7.50 9.78 -3.65
CA PRO A 200 -7.60 11.24 -3.72
C PRO A 200 -8.25 11.89 -2.50
N CYS A 201 -8.58 11.11 -1.48
CA CYS A 201 -9.09 11.68 -0.23
C CYS A 201 -8.00 12.47 0.45
N TYR A 202 -8.35 13.61 1.01
CA TYR A 202 -7.45 14.23 1.97
C TYR A 202 -7.31 13.27 3.14
N GLU A 203 -6.26 13.45 3.91
CA GLU A 203 -5.98 12.58 5.04
C GLU A 203 -6.93 12.89 6.19
N THR A 204 -7.39 11.87 6.89
CA THR A 204 -8.18 12.08 8.09
C THR A 204 -7.25 12.66 9.16
N PRO A 205 -7.83 13.21 10.23
CA PRO A 205 -7.02 13.69 11.34
C PRO A 205 -6.13 12.59 11.90
N ALA A 206 -6.68 11.39 12.05
CA ALA A 206 -5.89 10.24 12.51
C ALA A 206 -4.76 9.90 11.56
N GLU A 207 -5.05 9.93 10.26
CA GLU A 207 -4.01 9.67 9.28
C GLU A 207 -2.92 10.73 9.37
N CYS A 208 -3.31 11.98 9.45
CA CYS A 208 -2.33 13.06 9.55
C CYS A 208 -1.47 12.90 10.80
N THR A 209 -2.10 12.58 11.92
CA THR A 209 -1.38 12.40 13.16
C THR A 209 -0.35 11.29 12.99
N MET A 210 -0.78 10.18 12.39
CA MET A 210 0.10 9.06 12.12
C MET A 210 1.26 9.48 11.23
N LEU A 211 0.95 10.21 10.16
CA LEU A 211 1.98 10.65 9.22
C LEU A 211 2.98 11.57 9.88
N LEU A 212 2.47 12.53 10.65
CA LEU A 212 3.33 13.42 11.40
C LEU A 212 4.26 12.61 12.30
N ASN A 213 3.68 11.64 13.00
CA ASN A 213 4.46 10.82 13.91
C ASN A 213 5.42 9.87 13.18
N MET A 214 5.18 9.64 11.90
CA MET A 214 6.07 8.83 11.07
C MET A 214 7.31 9.64 10.71
N GLY A 215 7.31 10.92 11.03
CA GLY A 215 8.39 11.81 10.67
C GLY A 215 8.12 12.57 9.38
N CYS A 216 6.85 12.69 9.03
CA CYS A 216 6.49 13.38 7.79
C CYS A 216 6.17 14.84 8.04
N ASP A 217 6.66 15.71 7.17
CA ASP A 217 6.44 17.14 7.34
C ASP A 217 5.29 17.64 6.49
N VAL A 218 5.16 17.06 5.31
CA VAL A 218 4.11 17.46 4.39
C VAL A 218 3.55 16.22 3.75
N VAL A 219 2.30 16.31 3.32
CA VAL A 219 1.65 15.19 2.70
C VAL A 219 0.97 15.62 1.43
N GLY A 220 1.19 14.83 0.38
CA GLY A 220 0.63 15.14 -0.92
C GLY A 220 0.30 13.84 -1.61
N MET A 221 -0.22 13.95 -2.82
CA MET A 221 -0.67 12.78 -3.53
C MET A 221 0.10 12.60 -4.83
N SER A 222 1.24 13.25 -4.93
CA SER A 222 1.94 13.31 -6.21
C SER A 222 3.43 13.20 -6.04
N THR A 223 4.12 13.40 -7.15
CA THR A 223 5.55 13.72 -7.15
C THR A 223 6.48 12.54 -6.91
N ILE A 224 6.23 11.77 -5.87
CA ILE A 224 7.14 10.68 -5.58
C ILE A 224 7.34 9.74 -6.77
N PRO A 225 6.25 9.33 -7.44
CA PRO A 225 6.43 8.42 -8.57
C PRO A 225 7.36 9.01 -9.65
N GLU A 226 7.15 10.28 -10.01
CA GLU A 226 8.05 10.94 -10.96
C GLU A 226 9.47 10.98 -10.40
N VAL A 227 9.59 11.30 -9.13
CA VAL A 227 10.91 11.39 -8.50
C VAL A 227 11.61 10.05 -8.59
N VAL A 228 10.88 8.98 -8.29
CA VAL A 228 11.44 7.66 -8.35
C VAL A 228 11.91 7.34 -9.76
N ILE A 229 11.09 7.67 -10.76
CA ILE A 229 11.48 7.42 -12.14
C ILE A 229 12.66 8.29 -12.54
N ALA A 230 12.67 9.55 -12.11
CA ALA A 230 13.78 10.44 -12.39
C ALA A 230 15.06 9.88 -11.78
N ARG A 231 15.00 9.52 -10.50
CA ARG A 231 16.18 8.99 -9.84
C ARG A 231 16.63 7.70 -10.49
N HIS A 232 15.68 6.83 -10.82
CA HIS A 232 16.01 5.56 -11.46
C HIS A 232 16.84 5.80 -12.72
N CYS A 233 16.50 6.82 -13.50
CA CYS A 233 17.24 7.05 -14.74
C CYS A 233 18.31 8.12 -14.62
N GLY A 234 18.62 8.49 -13.38
CA GLY A 234 19.78 9.31 -13.09
C GLY A 234 19.55 10.80 -13.25
N ILE A 235 18.29 11.22 -13.28
CA ILE A 235 17.98 12.63 -13.31
C ILE A 235 18.03 13.18 -11.89
N GLN A 236 18.72 14.30 -11.71
CA GLN A 236 18.77 14.89 -10.40
C GLN A 236 17.45 15.59 -10.12
N VAL A 237 17.02 15.53 -8.88
CA VAL A 237 15.71 16.03 -8.54
C VAL A 237 15.75 17.15 -7.52
N PHE A 238 15.01 18.20 -7.81
CA PHE A 238 14.69 19.20 -6.82
C PHE A 238 13.18 19.25 -6.77
N ALA A 239 12.63 19.11 -5.58
CA ALA A 239 11.19 19.10 -5.41
C ALA A 239 10.82 19.96 -4.24
N VAL A 240 9.75 20.73 -4.39
CA VAL A 240 9.30 21.57 -3.32
C VAL A 240 7.78 21.49 -3.22
N SER A 241 7.31 21.35 -2.00
CA SER A 241 5.90 21.36 -1.71
C SER A 241 5.55 22.75 -1.23
N LEU A 242 4.52 23.33 -1.84
CA LEU A 242 3.92 24.52 -1.28
C LEU A 242 2.91 24.05 -0.26
N VAL A 243 3.01 24.58 0.95
CA VAL A 243 2.07 24.20 1.99
C VAL A 243 0.78 24.96 1.73
N THR A 244 -0.17 24.27 1.11
CA THR A 244 -1.38 24.90 0.62
C THR A 244 -2.47 24.87 1.66
N ASN A 245 -2.22 24.11 2.72
CA ASN A 245 -3.16 23.96 3.81
C ASN A 245 -2.42 23.34 4.96
N ILE A 246 -2.82 23.68 6.17
CA ILE A 246 -2.27 23.02 7.34
C ILE A 246 -3.11 21.80 7.65
N SER A 247 -2.44 20.65 7.72
CA SER A 247 -3.14 19.40 7.94
C SER A 247 -3.85 19.46 9.28
N VAL A 248 -5.08 18.96 9.31
CA VAL A 248 -5.84 18.95 10.55
C VAL A 248 -5.62 17.61 11.23
N LEU A 249 -5.06 17.66 12.44
CA LEU A 249 -4.71 16.47 13.18
C LEU A 249 -5.80 16.12 14.18
N ASP A 250 -6.65 17.10 14.44
CA ASP A 250 -7.62 17.01 15.53
C ASP A 250 -8.97 16.66 14.97
N VAL A 251 -9.47 15.49 15.34
CA VAL A 251 -10.76 15.03 14.82
C VAL A 251 -11.91 15.94 15.30
N GLU A 252 -11.68 16.67 16.38
CA GLU A 252 -12.72 17.56 16.92
C GLU A 252 -12.73 18.92 16.22
N SER A 253 -11.69 19.19 15.43
CA SER A 253 -11.55 20.48 14.78
C SER A 253 -12.53 20.63 13.61
N ASP A 254 -13.00 21.85 13.41
CA ASP A 254 -13.90 22.18 12.31
C ASP A 254 -13.10 22.56 11.07
N LEU A 255 -11.81 22.80 11.26
CA LEU A 255 -10.93 23.13 10.15
C LEU A 255 -10.84 21.91 9.25
N LYS A 256 -10.69 22.13 7.95
CA LYS A 256 -10.61 21.02 7.01
C LYS A 256 -10.02 21.46 5.70
N PRO A 257 -9.36 20.53 4.98
CA PRO A 257 -8.77 20.90 3.70
C PRO A 257 -9.90 21.18 2.73
N ASN A 258 -9.66 22.12 1.85
CA ASN A 258 -10.62 22.44 0.80
C ASN A 258 -9.84 22.66 -0.46
N HIS A 259 -10.18 21.93 -1.52
CA HIS A 259 -9.37 21.98 -2.73
C HIS A 259 -9.32 23.38 -3.33
N GLU A 260 -10.40 24.12 -3.24
CA GLU A 260 -10.43 25.47 -3.79
C GLU A 260 -9.45 26.35 -3.02
N GLU A 261 -9.44 26.21 -1.70
CA GLU A 261 -8.49 26.95 -0.89
C GLU A 261 -7.06 26.48 -1.16
N VAL A 262 -6.91 25.18 -1.39
CA VAL A 262 -5.60 24.65 -1.74
C VAL A 262 -5.10 25.29 -3.02
N LEU A 263 -5.95 25.30 -4.05
CA LEU A 263 -5.60 25.93 -5.31
C LEU A 263 -5.31 27.42 -5.13
N ALA A 264 -6.14 28.08 -4.34
CA ALA A 264 -5.98 29.52 -4.10
C ALA A 264 -4.62 29.80 -3.47
N THR A 265 -4.27 29.02 -2.46
CA THR A 265 -3.00 29.22 -1.77
C THR A 265 -1.84 28.99 -2.73
N GLY A 266 -1.94 27.94 -3.54
CA GLY A 266 -0.96 27.67 -4.56
C GLY A 266 -0.81 28.84 -5.53
N ALA A 267 -1.93 29.31 -6.05
CA ALA A 267 -1.93 30.41 -6.99
C ALA A 267 -1.35 31.67 -6.38
N GLN A 268 -1.62 31.88 -5.10
CA GLN A 268 -1.16 33.08 -4.42
C GLN A 268 0.36 33.12 -4.41
N ARG A 269 0.97 31.95 -4.27
CA ARG A 269 2.42 31.81 -4.20
C ARG A 269 3.06 31.61 -5.56
N ALA A 270 2.25 31.51 -6.60
CA ALA A 270 2.74 31.16 -7.92
C ALA A 270 3.87 32.07 -8.40
N GLU A 271 3.70 33.38 -8.24
CA GLU A 271 4.71 34.33 -8.69
C GLU A 271 6.03 34.11 -7.97
N LEU A 272 5.95 33.99 -6.66
CA LEU A 272 7.15 33.77 -5.86
C LEU A 272 7.80 32.43 -6.22
N MET A 273 6.97 31.40 -6.38
CA MET A 273 7.49 30.07 -6.72
C MET A 273 8.19 30.12 -8.07
N GLN A 274 7.57 30.82 -9.01
CA GLN A 274 8.14 31.00 -10.35
C GLN A 274 9.49 31.70 -10.27
N SER A 275 9.51 32.82 -9.57
CA SER A 275 10.73 33.61 -9.42
C SER A 275 11.82 32.75 -8.80
N TRP A 276 11.44 31.99 -7.78
CA TRP A 276 12.37 31.13 -7.08
C TRP A 276 12.98 30.09 -8.02
N PHE A 277 12.12 29.40 -8.76
CA PHE A 277 12.58 28.41 -9.72
C PHE A 277 13.47 29.04 -10.77
N GLU A 278 13.02 30.18 -11.30
CA GLU A 278 13.81 30.92 -12.28
C GLU A 278 15.17 31.29 -11.71
N LYS A 279 15.19 31.74 -10.46
CA LYS A 279 16.44 32.19 -9.86
C LYS A 279 17.35 31.02 -9.50
N ILE A 280 16.76 29.88 -9.18
CA ILE A 280 17.56 28.68 -8.96
C ILE A 280 18.20 28.27 -10.27
N ILE A 281 17.41 28.22 -11.32
CA ILE A 281 17.90 27.81 -12.62
C ILE A 281 19.04 28.74 -13.07
N GLU A 282 18.84 30.04 -12.89
CA GLU A 282 19.85 31.03 -13.20
C GLU A 282 21.19 30.68 -12.56
N LYS A 283 21.13 30.11 -11.35
CA LYS A 283 22.33 29.85 -10.56
C LYS A 283 22.89 28.44 -10.70
N LEU A 284 22.17 27.56 -11.38
CA LEU A 284 22.69 26.21 -11.60
C LEU A 284 24.05 26.30 -12.27
N PRO A 285 24.98 25.45 -11.83
CA PRO A 285 26.29 25.32 -12.50
C PRO A 285 26.09 24.98 -13.97
N LYS A 286 26.86 25.63 -14.84
CA LYS A 286 26.78 25.39 -16.28
C LYS A 286 28.08 24.75 -16.76
N SER B 4 -16.36 -4.36 -11.85
CA SER B 4 -17.46 -4.77 -12.72
C SER B 4 -18.00 -3.58 -13.51
N VAL B 5 -19.22 -3.16 -13.22
CA VAL B 5 -19.80 -1.99 -13.85
C VAL B 5 -19.35 -0.73 -13.11
N THR B 6 -18.92 0.28 -13.87
CA THR B 6 -18.44 1.51 -13.28
C THR B 6 -19.51 2.15 -12.41
N ALA B 7 -19.13 2.52 -11.19
CA ALA B 7 -20.05 3.16 -10.26
C ALA B 7 -20.25 4.62 -10.64
N ASN B 8 -20.60 4.86 -11.91
CA ASN B 8 -20.93 6.20 -12.36
C ASN B 8 -22.42 6.47 -12.22
N ILE B 9 -22.82 7.72 -12.44
CA ILE B 9 -24.19 8.14 -12.18
C ILE B 9 -25.21 7.37 -13.02
N GLU B 10 -24.83 7.04 -14.25
CA GLU B 10 -25.73 6.31 -15.13
C GLU B 10 -26.04 4.92 -14.59
N ASN B 11 -24.99 4.13 -14.37
CA ASN B 11 -25.14 2.77 -13.89
C ASN B 11 -25.81 2.71 -12.53
N VAL B 12 -25.40 3.60 -11.63
CA VAL B 12 -25.99 3.67 -10.32
C VAL B 12 -27.47 4.04 -10.42
N LYS B 13 -27.79 4.96 -11.32
CA LYS B 13 -29.17 5.32 -11.58
C LYS B 13 -29.96 4.10 -12.05
N LYS B 14 -29.39 3.36 -13.00
CA LYS B 14 -30.05 2.17 -13.51
C LYS B 14 -30.43 1.23 -12.38
N VAL B 15 -29.47 0.93 -11.51
CA VAL B 15 -29.70 0.04 -10.38
C VAL B 15 -30.75 0.61 -9.43
N ALA B 16 -30.57 1.87 -9.05
CA ALA B 16 -31.50 2.54 -8.13
C ALA B 16 -32.91 2.51 -8.71
N HIS B 17 -33.04 2.98 -9.95
CA HIS B 17 -34.33 3.01 -10.61
C HIS B 17 -34.98 1.63 -10.61
N HIS B 18 -34.18 0.61 -10.90
CA HIS B 18 -34.67 -0.77 -10.88
C HIS B 18 -35.20 -1.13 -9.50
N ILE B 19 -34.38 -0.93 -8.48
CA ILE B 19 -34.78 -1.21 -7.11
C ILE B 19 -36.05 -0.48 -6.74
N GLN B 20 -36.20 0.75 -7.26
CA GLN B 20 -37.35 1.58 -6.93
C GLN B 20 -38.64 1.04 -7.54
N LYS B 21 -38.50 0.17 -8.54
CA LYS B 21 -39.65 -0.51 -9.11
C LYS B 21 -40.05 -1.68 -8.22
N LEU B 22 -39.06 -2.24 -7.53
CA LEU B 22 -39.26 -3.43 -6.72
C LEU B 22 -39.75 -3.08 -5.32
N THR B 23 -39.56 -1.83 -4.92
CA THR B 23 -40.01 -1.38 -3.61
C THR B 23 -40.51 0.06 -3.68
N SER B 24 -41.46 0.39 -2.81
CA SER B 24 -41.94 1.75 -2.71
C SER B 24 -41.21 2.47 -1.60
N ILE B 25 -40.54 1.69 -0.76
CA ILE B 25 -39.83 2.22 0.41
C ILE B 25 -38.65 3.07 0.01
N VAL B 26 -38.73 4.36 0.32
CA VAL B 26 -37.60 5.26 0.12
C VAL B 26 -36.80 5.31 1.42
N PRO B 27 -35.65 4.62 1.44
CA PRO B 27 -34.85 4.51 2.65
C PRO B 27 -34.21 5.85 3.01
N GLU B 28 -34.21 6.18 4.29
CA GLU B 28 -33.53 7.37 4.77
C GLU B 28 -32.23 6.94 5.41
N ILE B 29 -32.24 5.73 5.95
CA ILE B 29 -31.06 5.17 6.62
C ILE B 29 -30.62 3.90 5.91
N GLY B 30 -29.34 3.83 5.60
CA GLY B 30 -28.75 2.63 5.05
C GLY B 30 -27.99 1.92 6.15
N ILE B 31 -28.13 0.60 6.21
CA ILE B 31 -27.48 -0.15 7.28
C ILE B 31 -26.69 -1.30 6.71
N ILE B 32 -25.44 -1.38 7.12
CA ILE B 32 -24.60 -2.52 6.76
C ILE B 32 -24.23 -3.22 8.05
N CYS B 33 -24.79 -4.40 8.27
CA CYS B 33 -24.41 -5.17 9.44
C CYS B 33 -23.22 -6.09 9.14
N GLY B 34 -22.21 -6.03 9.99
CA GLY B 34 -21.03 -6.88 9.83
C GLY B 34 -21.07 -8.05 10.80
N SER B 35 -21.09 -7.75 12.09
CA SER B 35 -21.12 -8.77 13.13
C SER B 35 -22.43 -9.56 13.11
N LEU B 40 -30.42 -7.63 12.91
CA LEU B 40 -31.06 -6.33 12.72
C LEU B 40 -32.05 -6.37 11.56
N ALA B 41 -31.55 -6.76 10.39
CA ALA B 41 -32.38 -6.88 9.20
C ALA B 41 -33.49 -7.91 9.42
N ASP B 42 -33.20 -8.89 10.28
CA ASP B 42 -34.14 -9.95 10.59
C ASP B 42 -35.41 -9.43 11.24
N GLY B 43 -35.38 -8.19 11.71
CA GLY B 43 -36.48 -7.66 12.49
C GLY B 43 -37.06 -6.32 12.06
N VAL B 44 -36.86 -5.94 10.80
CA VAL B 44 -37.43 -4.69 10.32
C VAL B 44 -38.88 -4.89 9.88
N LYS B 45 -39.74 -3.91 10.18
CA LYS B 45 -41.16 -4.00 9.90
C LYS B 45 -41.48 -3.90 8.42
N ASP B 46 -42.55 -4.57 8.01
CA ASP B 46 -43.03 -4.53 6.62
C ASP B 46 -41.86 -4.67 5.67
N LYS B 47 -41.01 -5.66 5.92
CA LYS B 47 -39.77 -5.81 5.17
C LYS B 47 -40.00 -6.29 3.74
N ILE B 48 -39.27 -5.69 2.82
CA ILE B 48 -39.19 -6.17 1.45
C ILE B 48 -37.79 -6.68 1.24
N THR B 49 -37.65 -7.99 1.05
CA THR B 49 -36.33 -8.59 0.89
C THR B 49 -35.99 -8.73 -0.59
N ILE B 50 -35.04 -7.93 -1.05
CA ILE B 50 -34.60 -7.97 -2.44
CA ILE B 50 -34.60 -7.97 -2.44
C ILE B 50 -33.25 -8.65 -2.57
N PRO B 51 -33.23 -9.85 -3.16
CA PRO B 51 -31.96 -10.56 -3.38
C PRO B 51 -31.09 -9.79 -4.35
N TYR B 52 -29.78 -9.76 -4.14
CA TYR B 52 -28.89 -9.07 -5.07
C TYR B 52 -29.07 -9.63 -6.48
N THR B 53 -29.29 -10.94 -6.55
CA THR B 53 -29.46 -11.64 -7.82
C THR B 53 -30.59 -11.06 -8.65
N LYS B 54 -31.53 -10.38 -8.00
CA LYS B 54 -32.68 -9.83 -8.70
C LYS B 54 -32.44 -8.40 -9.17
N ILE B 55 -31.23 -7.91 -8.93
CA ILE B 55 -30.88 -6.53 -9.30
C ILE B 55 -29.81 -6.50 -10.38
N PRO B 56 -30.22 -6.19 -11.63
CA PRO B 56 -29.29 -6.13 -12.75
C PRO B 56 -28.16 -5.13 -12.48
N ASN B 57 -26.94 -5.53 -12.86
CA ASN B 57 -25.76 -4.68 -12.67
C ASN B 57 -25.32 -4.52 -11.21
N PHE B 58 -26.22 -4.79 -10.28
CA PHE B 58 -25.85 -4.74 -8.87
C PHE B 58 -24.85 -5.86 -8.59
N PRO B 59 -23.85 -5.56 -7.77
CA PRO B 59 -22.81 -6.56 -7.45
C PRO B 59 -23.43 -7.77 -6.76
N GLN B 60 -22.87 -8.95 -7.00
CA GLN B 60 -23.33 -10.17 -6.33
C GLN B 60 -22.17 -10.85 -5.60
N THR B 61 -22.48 -11.44 -4.45
CA THR B 61 -21.47 -12.11 -3.64
C THR B 61 -21.33 -13.58 -4.00
N GLY B 68 -27.22 -12.83 -0.54
CA GLY B 68 -27.10 -11.38 -0.57
C GLY B 68 -28.44 -10.70 -0.76
N ASN B 69 -28.80 -9.81 0.16
CA ASN B 69 -30.08 -9.14 0.11
C ASN B 69 -30.03 -7.67 0.48
N LEU B 70 -30.83 -6.87 -0.23
CA LEU B 70 -31.21 -5.55 0.22
C LEU B 70 -32.55 -5.70 0.93
N ILE B 71 -32.60 -5.33 2.21
CA ILE B 71 -33.84 -5.45 2.95
C ILE B 71 -34.40 -4.06 3.24
N PHE B 72 -35.54 -3.77 2.63
CA PHE B 72 -36.21 -2.50 2.83
C PHE B 72 -37.32 -2.65 3.84
N GLY B 73 -37.58 -1.58 4.58
CA GLY B 73 -38.68 -1.58 5.51
C GLY B 73 -38.51 -0.49 6.53
N THR B 74 -39.20 -0.65 7.65
CA THR B 74 -39.15 0.36 8.69
C THR B 74 -38.51 -0.20 9.94
N LEU B 75 -37.64 0.60 10.53
CA LEU B 75 -36.94 0.22 11.73
C LEU B 75 -37.06 1.39 12.69
N SER B 76 -37.59 1.14 13.88
CA SER B 76 -37.78 2.19 14.87
C SER B 76 -38.42 3.43 14.24
N GLY B 77 -39.46 3.20 13.45
CA GLY B 77 -40.25 4.27 12.87
C GLY B 77 -39.65 4.90 11.63
N ARG B 78 -38.49 4.42 11.21
CA ARG B 78 -37.79 5.01 10.08
C ARG B 78 -37.65 4.05 8.91
N LYS B 79 -37.68 4.59 7.69
CA LYS B 79 -37.46 3.78 6.51
C LYS B 79 -35.98 3.49 6.35
N VAL B 80 -35.64 2.22 6.27
CA VAL B 80 -34.24 1.82 6.21
C VAL B 80 -34.02 0.89 5.04
N VAL B 81 -32.78 0.83 4.58
CA VAL B 81 -32.38 -0.23 3.68
C VAL B 81 -31.22 -0.93 4.38
N VAL B 82 -31.39 -2.23 4.61
CA VAL B 82 -30.35 -3.01 5.24
C VAL B 82 -29.62 -3.80 4.17
N MET B 83 -28.31 -3.63 4.11
CA MET B 83 -27.50 -4.33 3.14
C MET B 83 -26.96 -5.59 3.78
N GLN B 84 -27.47 -6.73 3.34
CA GLN B 84 -27.09 -8.03 3.88
C GLN B 84 -26.17 -8.74 2.91
N GLY B 85 -24.88 -8.69 3.17
CA GLY B 85 -23.89 -9.21 2.25
C GLY B 85 -23.00 -8.09 1.75
N ARG B 86 -21.78 -8.03 2.28
CA ARG B 86 -20.86 -6.94 1.94
C ARG B 86 -19.89 -7.35 0.85
N PHE B 87 -19.26 -6.35 0.25
CA PHE B 87 -18.24 -6.60 -0.76
C PHE B 87 -16.90 -6.16 -0.21
N HIS B 88 -16.11 -7.12 0.25
CA HIS B 88 -14.85 -6.83 0.90
C HIS B 88 -13.72 -6.83 -0.11
N MET B 89 -12.81 -5.88 0.05
CA MET B 89 -11.72 -5.72 -0.88
C MET B 89 -10.82 -6.95 -0.91
N TYR B 90 -10.63 -7.60 0.24
CA TYR B 90 -9.79 -8.79 0.28
C TYR B 90 -10.39 -9.91 -0.58
N GLU B 91 -11.68 -9.78 -0.91
CA GLU B 91 -12.31 -10.78 -1.76
C GLU B 91 -11.91 -10.57 -3.20
N GLY B 92 -11.35 -9.40 -3.50
CA GLY B 92 -10.91 -9.09 -4.84
C GLY B 92 -11.90 -8.22 -5.60
N TYR B 93 -12.94 -7.78 -4.90
CA TYR B 93 -13.93 -6.92 -5.54
C TYR B 93 -13.28 -5.60 -5.90
N SER B 94 -13.72 -5.01 -7.00
CA SER B 94 -13.14 -3.76 -7.47
C SER B 94 -13.69 -2.59 -6.66
N ASN B 95 -13.04 -1.44 -6.81
CA ASN B 95 -13.52 -0.21 -6.22
C ASN B 95 -14.96 0.09 -6.61
N ASP B 96 -15.25 -0.06 -7.90
CA ASP B 96 -16.56 0.25 -8.43
C ASP B 96 -17.62 -0.67 -7.85
N THR B 97 -17.27 -1.93 -7.66
CA THR B 97 -18.18 -2.90 -7.09
C THR B 97 -18.53 -2.54 -5.65
N VAL B 98 -17.52 -2.17 -4.88
CA VAL B 98 -17.73 -1.83 -3.47
C VAL B 98 -18.48 -0.52 -3.34
N ALA B 99 -18.16 0.43 -4.23
CA ALA B 99 -18.78 1.75 -4.17
C ALA B 99 -20.24 1.75 -4.59
N LEU B 100 -20.57 0.97 -5.62
CA LEU B 100 -21.89 1.07 -6.23
C LEU B 100 -23.04 0.91 -5.24
N PRO B 101 -22.99 -0.10 -4.35
CA PRO B 101 -24.07 -0.24 -3.38
C PRO B 101 -24.27 1.03 -2.56
N ILE B 102 -23.18 1.67 -2.16
CA ILE B 102 -23.31 2.88 -1.37
C ILE B 102 -23.90 4.01 -2.20
N ARG B 103 -23.48 4.12 -3.46
CA ARG B 103 -24.02 5.15 -4.33
C ARG B 103 -25.46 4.88 -4.69
N VAL B 104 -25.80 3.61 -4.79
CA VAL B 104 -27.19 3.23 -4.98
C VAL B 104 -28.01 3.72 -3.79
N MET B 105 -27.48 3.49 -2.58
CA MET B 105 -28.16 3.95 -1.38
C MET B 105 -28.41 5.45 -1.44
N LYS B 106 -27.39 6.19 -1.88
CA LYS B 106 -27.49 7.63 -2.03
C LYS B 106 -28.68 7.95 -2.93
N LEU B 107 -28.75 7.27 -4.08
CA LEU B 107 -29.81 7.52 -5.04
C LEU B 107 -31.17 7.08 -4.50
N LEU B 108 -31.17 6.08 -3.64
CA LEU B 108 -32.40 5.57 -3.06
C LEU B 108 -32.96 6.53 -2.01
N GLY B 109 -32.10 7.40 -1.49
CA GLY B 109 -32.54 8.42 -0.54
C GLY B 109 -31.83 8.36 0.79
N VAL B 110 -30.87 7.45 0.92
CA VAL B 110 -30.14 7.30 2.17
C VAL B 110 -29.38 8.57 2.52
N LYS B 111 -29.56 9.04 3.75
CA LYS B 111 -28.89 10.24 4.24
C LYS B 111 -27.91 9.87 5.34
N ILE B 112 -28.16 8.72 5.97
CA ILE B 112 -27.30 8.25 7.04
C ILE B 112 -26.98 6.78 6.82
N LEU B 113 -25.70 6.45 6.87
CA LEU B 113 -25.27 5.07 6.75
C LEU B 113 -24.79 4.63 8.11
N MET B 114 -25.35 3.52 8.58
CA MET B 114 -24.91 2.92 9.82
C MET B 114 -24.27 1.61 9.48
N VAL B 115 -23.05 1.42 9.94
CA VAL B 115 -22.32 0.19 9.67
C VAL B 115 -21.73 -0.34 10.96
N SER B 116 -21.81 -1.64 11.14
CA SER B 116 -21.11 -2.29 12.23
C SER B 116 -20.10 -3.20 11.57
N ASN B 117 -19.00 -3.47 12.26
CA ASN B 117 -18.05 -4.44 11.75
C ASN B 117 -17.38 -5.13 12.92
N ALA B 118 -16.68 -6.21 12.62
CA ALA B 118 -15.86 -6.89 13.61
C ALA B 118 -14.48 -6.29 13.50
N ALA B 119 -13.81 -6.13 14.64
CA ALA B 119 -12.45 -5.62 14.63
C ALA B 119 -11.65 -6.21 15.77
N GLY B 120 -10.34 -6.26 15.57
CA GLY B 120 -9.44 -6.65 16.63
C GLY B 120 -9.17 -5.44 17.50
N GLY B 121 -9.17 -5.66 18.81
CA GLY B 121 -8.91 -4.60 19.76
C GLY B 121 -7.42 -4.36 19.92
N LEU B 122 -6.95 -3.26 19.36
CA LEU B 122 -5.56 -2.89 19.48
C LEU B 122 -5.36 -2.19 20.81
N ASN B 123 -6.15 -1.14 21.02
CA ASN B 123 -6.14 -0.37 22.25
C ASN B 123 -6.21 -1.31 23.45
N ARG B 124 -5.21 -1.24 24.31
CA ARG B 124 -5.08 -2.18 25.41
C ARG B 124 -6.17 -2.03 26.46
N SER B 125 -6.90 -0.92 26.43
CA SER B 125 -7.96 -0.69 27.41
C SER B 125 -9.24 -1.38 26.98
N LEU B 126 -9.28 -1.86 25.75
CA LEU B 126 -10.47 -2.49 25.20
C LEU B 126 -10.67 -3.91 25.74
N LYS B 127 -11.92 -4.31 25.84
CA LYS B 127 -12.25 -5.67 26.23
C LYS B 127 -12.99 -6.36 25.10
N LEU B 128 -12.92 -7.68 25.08
CA LEU B 128 -13.76 -8.47 24.19
C LEU B 128 -15.20 -8.02 24.33
N GLY B 129 -15.88 -7.84 23.20
CA GLY B 129 -17.29 -7.50 23.23
C GLY B 129 -17.54 -6.02 23.38
N ASP B 130 -16.47 -5.25 23.51
CA ASP B 130 -16.61 -3.80 23.57
C ASP B 130 -17.08 -3.26 22.23
N PHE B 131 -17.79 -2.14 22.29
CA PHE B 131 -18.15 -1.44 21.08
C PHE B 131 -17.22 -0.25 20.93
N VAL B 132 -16.56 -0.18 19.80
CA VAL B 132 -15.76 1.00 19.49
C VAL B 132 -16.41 1.74 18.34
N ILE B 133 -17.07 2.83 18.69
CA ILE B 133 -17.61 3.74 17.69
C ILE B 133 -16.42 4.32 16.97
N LEU B 134 -16.44 4.28 15.65
CA LEU B 134 -15.37 4.87 14.89
C LEU B 134 -15.53 6.38 14.98
N LYS B 135 -14.48 7.07 15.39
CA LYS B 135 -14.54 8.52 15.31
C LYS B 135 -13.57 9.00 14.26
N ASP B 136 -12.77 8.07 13.76
CA ASP B 136 -11.85 8.38 12.68
C ASP B 136 -11.27 7.07 12.22
N HIS B 137 -10.58 7.11 11.09
CA HIS B 137 -9.97 5.91 10.59
C HIS B 137 -8.62 6.19 9.97
N ILE B 138 -7.89 5.11 9.75
CA ILE B 138 -6.64 5.17 9.03
C ILE B 138 -6.78 4.14 7.95
N TYR B 139 -6.84 4.66 6.72
CA TYR B 139 -7.15 3.89 5.54
C TYR B 139 -5.82 3.48 4.95
N LEU B 140 -5.20 2.44 5.49
CA LEU B 140 -3.89 2.03 5.00
C LEU B 140 -3.90 1.76 3.48
N PRO B 141 -4.88 0.98 3.00
CA PRO B 141 -4.92 0.78 1.54
C PRO B 141 -5.06 2.11 0.80
N GLY B 142 -5.84 3.03 1.36
CA GLY B 142 -6.04 4.32 0.71
C GLY B 142 -4.77 5.12 0.63
N LEU B 143 -4.02 5.14 1.73
CA LEU B 143 -2.75 5.88 1.74
C LEU B 143 -1.78 5.27 0.74
N GLY B 144 -1.93 3.96 0.50
CA GLY B 144 -1.02 3.21 -0.35
C GLY B 144 -1.45 3.01 -1.80
N LEU B 145 -2.34 3.88 -2.28
CA LEU B 145 -2.81 3.87 -3.67
C LEU B 145 -3.91 2.88 -3.98
N ASN B 146 -4.54 2.34 -2.94
CA ASN B 146 -5.68 1.48 -3.13
C ASN B 146 -6.92 2.11 -2.52
N ASN B 147 -6.98 3.44 -2.59
CA ASN B 147 -8.15 4.16 -2.15
C ASN B 147 -9.30 3.81 -3.08
N ILE B 148 -10.47 3.57 -2.53
CA ILE B 148 -11.61 3.19 -3.37
C ILE B 148 -11.94 4.26 -4.42
N LEU B 149 -11.53 5.50 -4.17
CA LEU B 149 -11.84 6.60 -5.08
C LEU B 149 -10.81 6.78 -6.19
N VAL B 150 -9.75 5.98 -6.16
CA VAL B 150 -8.74 6.04 -7.21
C VAL B 150 -9.41 5.75 -8.56
N GLY B 151 -9.09 6.56 -9.56
CA GLY B 151 -9.73 6.44 -10.86
C GLY B 151 -10.46 7.74 -11.15
N PRO B 152 -11.02 7.88 -12.36
CA PRO B 152 -11.79 9.07 -12.69
C PRO B 152 -12.79 9.35 -11.58
N ASN B 153 -12.91 10.61 -11.16
CA ASN B 153 -13.91 10.95 -10.17
C ASN B 153 -15.29 10.99 -10.80
N GLN B 154 -16.25 10.36 -10.13
CA GLN B 154 -17.62 10.43 -10.57
C GLN B 154 -18.25 11.70 -10.02
N GLU B 155 -18.19 12.75 -10.81
CA GLU B 155 -18.52 14.09 -10.36
C GLU B 155 -19.96 14.21 -9.85
N ALA B 156 -20.88 13.44 -10.43
CA ALA B 156 -22.27 13.48 -10.00
C ALA B 156 -22.43 13.08 -8.53
N PHE B 157 -21.47 12.31 -8.02
CA PHE B 157 -21.56 11.83 -6.64
C PHE B 157 -20.81 12.71 -5.64
N GLY B 158 -19.66 13.21 -6.05
CA GLY B 158 -18.86 14.00 -5.14
C GLY B 158 -17.63 14.59 -5.79
N THR B 159 -16.87 15.31 -4.98
CA THR B 159 -15.72 16.06 -5.48
C THR B 159 -14.50 15.15 -5.66
N ARG B 160 -13.54 15.63 -6.42
CA ARG B 160 -12.34 14.87 -6.72
C ARG B 160 -11.54 14.54 -5.46
N PHE B 161 -11.44 15.52 -4.57
CA PHE B 161 -10.63 15.38 -3.36
C PHE B 161 -11.49 15.59 -2.14
N PRO B 162 -12.24 14.57 -1.73
CA PRO B 162 -13.11 14.74 -0.56
C PRO B 162 -12.26 14.93 0.68
N ALA B 163 -12.66 15.86 1.54
CA ALA B 163 -12.09 15.90 2.87
C ALA B 163 -12.80 14.82 3.66
N LEU B 164 -12.15 14.31 4.69
CA LEU B 164 -12.78 13.33 5.54
C LEU B 164 -12.90 13.91 6.94
N SER B 165 -13.27 15.19 6.97
CA SER B 165 -13.54 15.90 8.21
C SER B 165 -14.90 15.47 8.74
N ASN B 166 -14.94 15.13 10.02
CA ASN B 166 -16.19 14.69 10.65
C ASN B 166 -16.81 13.56 9.85
N ALA B 167 -15.96 12.72 9.29
CA ALA B 167 -16.40 11.60 8.47
C ALA B 167 -17.31 10.71 9.30
N TYR B 168 -16.95 10.53 10.56
CA TYR B 168 -17.80 9.78 11.48
C TYR B 168 -18.56 10.79 12.28
N ASP B 169 -19.71 11.18 11.72
CA ASP B 169 -20.46 12.33 12.18
C ASP B 169 -20.47 12.43 13.70
N ARG B 170 -19.97 13.53 14.23
CA ARG B 170 -19.83 13.67 15.68
C ARG B 170 -21.18 13.65 16.38
N ASP B 171 -22.20 14.20 15.74
CA ASP B 171 -23.53 14.24 16.33
C ASP B 171 -24.10 12.85 16.44
N LEU B 172 -23.86 12.02 15.42
CA LEU B 172 -24.32 10.65 15.43
C LEU B 172 -23.58 9.85 16.50
N ARG B 173 -22.28 10.13 16.64
CA ARG B 173 -21.50 9.46 17.66
C ARG B 173 -22.01 9.84 19.04
N LYS B 174 -22.22 11.14 19.24
CA LYS B 174 -22.78 11.64 20.49
C LYS B 174 -24.09 10.92 20.81
N LEU B 175 -24.97 10.87 19.81
CA LEU B 175 -26.26 10.22 19.98
C LEU B 175 -26.11 8.75 20.30
N ALA B 176 -25.26 8.04 19.55
CA ALA B 176 -25.04 6.63 19.80
C ALA B 176 -24.59 6.42 21.23
N VAL B 177 -23.69 7.27 21.70
CA VAL B 177 -23.20 7.16 23.08
C VAL B 177 -24.32 7.40 24.09
N GLN B 178 -25.12 8.42 23.84
CA GLN B 178 -26.25 8.72 24.72
C GLN B 178 -27.19 7.53 24.80
N VAL B 179 -27.48 6.94 23.66
CA VAL B 179 -28.35 5.77 23.59
C VAL B 179 -27.79 4.60 24.39
N ALA B 180 -26.49 4.36 24.26
CA ALA B 180 -25.84 3.30 25.00
C ALA B 180 -25.93 3.61 26.49
N GLU B 181 -25.68 4.87 26.82
CA GLU B 181 -25.69 5.32 28.20
C GLU B 181 -27.07 5.10 28.82
N GLU B 182 -28.10 5.64 28.19
CA GLU B 182 -29.46 5.58 28.73
C GLU B 182 -29.97 4.15 28.81
N ASN B 183 -29.38 3.26 28.02
CA ASN B 183 -29.81 1.88 27.99
C ASN B 183 -28.90 0.96 28.79
N GLY B 184 -28.00 1.57 29.56
CA GLY B 184 -27.25 0.83 30.55
C GLY B 184 -26.10 -0.02 30.04
N PHE B 185 -25.65 0.25 28.82
CA PHE B 185 -24.45 -0.40 28.33
C PHE B 185 -23.41 0.60 27.83
N GLY B 186 -23.45 1.80 28.41
CA GLY B 186 -22.47 2.81 28.09
C GLY B 186 -21.08 2.34 28.47
N ASN B 187 -21.03 1.41 29.41
CA ASN B 187 -19.75 0.85 29.83
C ASN B 187 -19.05 0.11 28.70
N LEU B 188 -19.82 -0.35 27.73
CA LEU B 188 -19.29 -1.15 26.64
C LEU B 188 -18.79 -0.28 25.52
N VAL B 189 -19.24 0.96 25.50
CA VAL B 189 -19.01 1.81 24.34
C VAL B 189 -17.76 2.66 24.48
N HIS B 190 -16.92 2.56 23.45
CA HIS B 190 -15.76 3.41 23.34
C HIS B 190 -15.84 4.13 22.00
N GLN B 191 -14.93 5.07 21.80
CA GLN B 191 -14.76 5.69 20.51
C GLN B 191 -13.29 5.61 20.21
N GLY B 192 -12.96 5.46 18.94
CA GLY B 192 -11.57 5.34 18.61
C GLY B 192 -11.33 5.30 17.13
N VAL B 193 -10.09 5.02 16.77
CA VAL B 193 -9.66 5.05 15.41
C VAL B 193 -9.61 3.64 14.88
N TYR B 194 -10.28 3.43 13.76
CA TYR B 194 -10.29 2.15 13.09
C TYR B 194 -9.25 2.21 11.98
N VAL B 195 -8.35 1.24 11.98
CA VAL B 195 -7.43 1.12 10.85
C VAL B 195 -7.85 -0.07 10.00
N MET B 196 -7.81 0.12 8.70
CA MET B 196 -8.11 -0.95 7.78
C MET B 196 -6.84 -1.66 7.33
N ASN B 197 -6.79 -2.95 7.59
CA ASN B 197 -5.83 -3.84 6.97
C ASN B 197 -6.57 -4.48 5.81
N GLY B 198 -6.06 -4.32 4.60
CA GLY B 198 -6.70 -4.87 3.42
C GLY B 198 -7.05 -6.33 3.61
N GLY B 199 -6.20 -7.05 4.34
CA GLY B 199 -6.44 -8.46 4.63
C GLY B 199 -6.11 -9.35 3.45
N PRO B 200 -6.54 -10.61 3.50
CA PRO B 200 -7.45 -11.16 4.51
C PRO B 200 -6.73 -11.78 5.70
N CYS B 201 -5.42 -11.68 5.77
CA CYS B 201 -4.72 -12.18 6.95
C CYS B 201 -5.06 -11.34 8.14
N TYR B 202 -5.19 -11.98 9.30
CA TYR B 202 -5.19 -11.23 10.53
C TYR B 202 -3.80 -10.61 10.66
N GLU B 203 -3.71 -9.58 11.50
CA GLU B 203 -2.47 -8.85 11.64
C GLU B 203 -1.53 -9.62 12.55
N THR B 204 -0.24 -9.61 12.22
CA THR B 204 0.75 -10.25 13.06
C THR B 204 0.88 -9.39 14.30
N PRO B 205 1.49 -9.95 15.36
CA PRO B 205 1.73 -9.15 16.57
C PRO B 205 2.54 -7.90 16.25
N ALA B 206 3.52 -8.02 15.37
CA ALA B 206 4.35 -6.88 14.98
C ALA B 206 3.49 -5.82 14.31
N GLU B 207 2.60 -6.27 13.43
CA GLU B 207 1.69 -5.36 12.76
C GLU B 207 0.74 -4.69 13.75
N CYS B 208 0.18 -5.47 14.66
CA CYS B 208 -0.73 -4.92 15.65
C CYS B 208 0.00 -3.88 16.49
N THR B 209 1.22 -4.20 16.87
CA THR B 209 2.03 -3.28 17.67
C THR B 209 2.24 -1.99 16.89
N MET B 210 2.60 -2.12 15.63
CA MET B 210 2.79 -0.95 14.77
C MET B 210 1.49 -0.15 14.68
N LEU B 211 0.38 -0.83 14.43
CA LEU B 211 -0.90 -0.15 14.28
C LEU B 211 -1.30 0.54 15.56
N LEU B 212 -1.12 -0.14 16.69
CA LEU B 212 -1.45 0.46 17.97
C LEU B 212 -0.67 1.76 18.11
N ASN B 213 0.62 1.69 17.81
CA ASN B 213 1.49 2.85 17.92
C ASN B 213 1.23 3.90 16.84
N MET B 214 0.49 3.53 15.81
CA MET B 214 0.04 4.50 14.81
C MET B 214 -1.14 5.32 15.33
N GLY B 215 -1.60 4.96 16.52
CA GLY B 215 -2.78 5.59 17.10
C GLY B 215 -4.06 4.88 16.73
N CYS B 216 -3.96 3.60 16.38
CA CYS B 216 -5.13 2.84 16.00
C CYS B 216 -5.68 2.10 17.21
N ASP B 217 -7.00 2.12 17.35
CA ASP B 217 -7.63 1.48 18.49
C ASP B 217 -8.18 0.12 18.13
N VAL B 218 -8.68 -0.01 16.92
CA VAL B 218 -9.20 -1.28 16.44
C VAL B 218 -8.76 -1.46 15.01
N VAL B 219 -8.73 -2.71 14.56
CA VAL B 219 -8.28 -2.99 13.22
C VAL B 219 -9.26 -3.95 12.58
N GLY B 220 -9.65 -3.66 11.35
CA GLY B 220 -10.53 -4.54 10.61
C GLY B 220 -10.15 -4.52 9.14
N MET B 221 -10.93 -5.20 8.32
CA MET B 221 -10.59 -5.32 6.91
C MET B 221 -11.65 -4.74 6.00
N SER B 222 -12.53 -3.94 6.57
CA SER B 222 -13.69 -3.47 5.82
C SER B 222 -14.00 -2.03 6.15
N THR B 223 -15.18 -1.62 5.71
CA THR B 223 -15.84 -0.41 6.21
C THR B 223 -15.33 0.90 5.64
N ILE B 224 -14.03 1.14 5.77
CA ILE B 224 -13.48 2.41 5.30
C ILE B 224 -13.84 2.71 3.84
N PRO B 225 -13.71 1.72 2.94
CA PRO B 225 -14.05 2.04 1.54
C PRO B 225 -15.49 2.52 1.41
N GLU B 226 -16.41 1.83 2.07
CA GLU B 226 -17.81 2.25 2.11
C GLU B 226 -17.96 3.64 2.70
N VAL B 227 -17.30 3.87 3.82
CA VAL B 227 -17.38 5.16 4.48
C VAL B 227 -16.89 6.24 3.55
N VAL B 228 -15.80 5.96 2.86
CA VAL B 228 -15.22 6.93 1.95
C VAL B 228 -16.21 7.27 0.83
N ILE B 229 -16.79 6.24 0.23
CA ILE B 229 -17.81 6.47 -0.79
C ILE B 229 -19.00 7.24 -0.20
N ALA B 230 -19.43 6.83 0.98
CA ALA B 230 -20.57 7.48 1.63
C ALA B 230 -20.28 8.97 1.82
N ARG B 231 -19.13 9.28 2.42
CA ARG B 231 -18.78 10.66 2.66
C ARG B 231 -18.61 11.38 1.33
N HIS B 232 -18.05 10.69 0.36
CA HIS B 232 -17.83 11.29 -0.94
C HIS B 232 -19.16 11.80 -1.50
N CYS B 233 -20.23 11.03 -1.31
CA CYS B 233 -21.52 11.43 -1.86
C CYS B 233 -22.46 12.05 -0.82
N GLY B 234 -21.89 12.46 0.31
CA GLY B 234 -22.63 13.26 1.27
C GLY B 234 -23.55 12.51 2.20
N ILE B 235 -23.32 11.21 2.34
CA ILE B 235 -24.07 10.42 3.30
C ILE B 235 -23.37 10.49 4.65
N GLN B 236 -24.11 10.82 5.70
CA GLN B 236 -23.55 10.83 7.04
C GLN B 236 -23.27 9.39 7.47
N VAL B 237 -22.17 9.21 8.18
CA VAL B 237 -21.74 7.89 8.57
C VAL B 237 -21.73 7.72 10.06
N PHE B 238 -22.32 6.62 10.52
CA PHE B 238 -22.11 6.13 11.85
C PHE B 238 -21.55 4.73 11.69
N ALA B 239 -20.41 4.49 12.32
CA ALA B 239 -19.77 3.17 12.25
C ALA B 239 -19.31 2.73 13.62
N VAL B 240 -19.54 1.46 13.94
CA VAL B 240 -19.08 0.90 15.19
C VAL B 240 -18.40 -0.43 14.96
N SER B 241 -17.27 -0.61 15.61
CA SER B 241 -16.61 -1.90 15.65
C SER B 241 -16.99 -2.65 16.90
N LEU B 242 -17.37 -3.91 16.72
CA LEU B 242 -17.49 -4.82 17.83
C LEU B 242 -16.09 -5.40 17.99
N VAL B 243 -15.50 -5.21 19.17
CA VAL B 243 -14.21 -5.82 19.46
C VAL B 243 -14.44 -7.32 19.65
N THR B 244 -14.16 -8.10 18.61
CA THR B 244 -14.46 -9.52 18.62
C THR B 244 -13.29 -10.34 19.15
N ASN B 245 -12.14 -9.69 19.26
CA ASN B 245 -10.94 -10.33 19.77
C ASN B 245 -9.98 -9.23 20.17
N ILE B 246 -9.16 -9.52 21.18
CA ILE B 246 -8.10 -8.59 21.57
C ILE B 246 -6.85 -8.92 20.75
N SER B 247 -6.34 -7.93 20.04
CA SER B 247 -5.19 -8.17 19.17
C SER B 247 -4.01 -8.65 19.98
N VAL B 248 -3.34 -9.67 19.47
CA VAL B 248 -2.14 -10.18 20.12
C VAL B 248 -0.95 -9.38 19.61
N LEU B 249 -0.25 -8.76 20.56
CA LEU B 249 0.85 -7.86 20.23
C LEU B 249 2.20 -8.54 20.43
N ASP B 250 2.20 -9.63 21.17
CA ASP B 250 3.42 -10.35 21.49
C ASP B 250 3.50 -11.67 20.75
N VAL B 251 4.48 -11.77 19.87
CA VAL B 251 4.59 -12.90 18.95
C VAL B 251 4.88 -14.15 19.75
N GLU B 252 4.99 -13.98 21.05
CA GLU B 252 5.25 -15.08 21.95
C GLU B 252 3.96 -15.62 22.54
N SER B 253 2.81 -15.13 22.08
CA SER B 253 1.58 -15.65 22.66
C SER B 253 0.98 -16.80 21.89
N ASP B 254 0.12 -17.55 22.54
CA ASP B 254 -0.42 -18.76 21.94
C ASP B 254 -1.86 -18.54 21.50
N LEU B 255 -2.44 -17.34 21.96
CA LEU B 255 -3.71 -16.77 21.51
C LEU B 255 -3.73 -16.57 19.98
N HIS B 259 -6.00 -14.99 17.06
CA HIS B 259 -6.95 -14.50 16.06
C HIS B 259 -7.59 -15.68 15.32
N GLU B 260 -8.92 -15.66 15.23
CA GLU B 260 -9.67 -16.75 14.60
C GLU B 260 -11.06 -16.25 14.26
N GLU B 261 -11.51 -16.46 13.03
CA GLU B 261 -12.83 -15.95 12.66
C GLU B 261 -13.92 -16.63 13.47
N VAL B 262 -13.59 -17.79 14.05
CA VAL B 262 -14.47 -18.42 15.02
C VAL B 262 -14.72 -17.41 16.14
N LEU B 263 -15.79 -16.65 15.98
CA LEU B 263 -16.04 -15.43 16.74
C LEU B 263 -17.35 -14.88 16.17
N ALA B 264 -18.50 -15.14 16.80
CA ALA B 264 -18.73 -15.71 18.14
C ALA B 264 -18.93 -14.60 19.17
N THR B 265 -17.93 -13.75 19.33
CA THR B 265 -18.12 -12.54 20.13
C THR B 265 -19.27 -11.77 19.51
N GLY B 266 -19.36 -11.86 18.17
CA GLY B 266 -20.43 -11.23 17.43
C GLY B 266 -21.79 -11.75 17.82
N ALA B 267 -21.91 -13.07 17.92
CA ALA B 267 -23.15 -13.69 18.36
C ALA B 267 -23.53 -13.21 19.76
N GLN B 268 -22.54 -13.21 20.65
CA GLN B 268 -22.73 -12.76 22.02
C GLN B 268 -23.35 -11.36 22.08
N ARG B 269 -22.86 -10.47 21.20
CA ARG B 269 -23.24 -9.06 21.25
C ARG B 269 -24.24 -8.68 20.17
N ALA B 270 -24.64 -9.67 19.37
CA ALA B 270 -25.54 -9.42 18.24
C ALA B 270 -26.82 -8.69 18.65
N GLU B 271 -27.55 -9.27 19.59
CA GLU B 271 -28.81 -8.69 20.04
C GLU B 271 -28.62 -7.31 20.65
N LEU B 272 -27.53 -7.16 21.41
CA LEU B 272 -27.23 -5.89 22.04
C LEU B 272 -26.92 -4.85 20.96
N MET B 273 -26.02 -5.20 20.06
CA MET B 273 -25.63 -4.30 18.97
C MET B 273 -26.85 -3.92 18.13
N GLN B 274 -27.69 -4.90 17.84
CA GLN B 274 -28.92 -4.67 17.09
C GLN B 274 -29.88 -3.74 17.83
N SER B 275 -30.05 -3.97 19.12
CA SER B 275 -30.93 -3.14 19.93
C SER B 275 -30.41 -1.71 19.94
N TRP B 276 -29.09 -1.58 20.03
CA TRP B 276 -28.44 -0.28 20.03
C TRP B 276 -28.74 0.47 18.74
N PHE B 277 -28.57 -0.23 17.62
CA PHE B 277 -28.84 0.36 16.32
C PHE B 277 -30.29 0.77 16.20
N GLU B 278 -31.20 -0.11 16.64
CA GLU B 278 -32.62 0.20 16.59
C GLU B 278 -32.91 1.45 17.41
N LYS B 279 -32.30 1.54 18.59
CA LYS B 279 -32.57 2.64 19.49
C LYS B 279 -31.91 3.94 19.03
N ILE B 280 -30.78 3.82 18.35
CA ILE B 280 -30.17 4.99 17.75
C ILE B 280 -31.11 5.52 16.67
N ILE B 281 -31.59 4.61 15.82
CA ILE B 281 -32.44 5.00 14.70
C ILE B 281 -33.67 5.68 15.23
N GLU B 282 -34.18 5.16 16.34
CA GLU B 282 -35.34 5.74 17.02
C GLU B 282 -35.13 7.21 17.29
N LYS B 283 -33.91 7.58 17.70
CA LYS B 283 -33.63 8.94 18.15
C LYS B 283 -33.06 9.84 17.06
N LEU B 284 -32.75 9.27 15.90
CA LEU B 284 -32.21 10.06 14.81
C LEU B 284 -33.13 11.19 14.44
N PRO B 285 -32.56 12.37 14.13
CA PRO B 285 -33.34 13.49 13.62
C PRO B 285 -34.06 13.07 12.35
N LYS B 286 -35.29 13.52 12.17
CA LYS B 286 -36.02 13.21 10.96
C LYS B 286 -36.53 14.47 10.28
N ASP B 287 -36.10 14.67 9.03
CA ASP B 287 -36.54 15.82 8.26
C ASP B 287 -38.05 15.80 8.06
N SER C 4 -1.89 -14.85 -14.25
CA SER C 4 -1.60 -15.99 -15.12
C SER C 4 -2.48 -17.18 -14.76
N VAL C 5 -1.85 -18.23 -14.24
CA VAL C 5 -2.58 -19.44 -13.85
C VAL C 5 -2.96 -19.45 -12.37
N THR C 6 -4.24 -19.56 -12.11
CA THR C 6 -4.73 -19.47 -10.74
C THR C 6 -4.14 -20.58 -9.87
N ALA C 7 -3.69 -20.22 -8.68
CA ALA C 7 -3.15 -21.19 -7.75
C ALA C 7 -4.30 -21.90 -7.04
N ASN C 8 -5.21 -22.46 -7.83
CA ASN C 8 -6.29 -23.26 -7.28
C ASN C 8 -5.85 -24.71 -7.22
N ILE C 9 -6.69 -25.55 -6.62
CA ILE C 9 -6.28 -26.92 -6.36
C ILE C 9 -6.04 -27.66 -7.66
N GLU C 10 -6.85 -27.38 -8.67
CA GLU C 10 -6.76 -28.07 -9.94
C GLU C 10 -5.43 -27.80 -10.60
N ASN C 11 -5.08 -26.52 -10.70
CA ASN C 11 -3.83 -26.14 -11.33
C ASN C 11 -2.62 -26.59 -10.53
N VAL C 12 -2.70 -26.48 -9.21
CA VAL C 12 -1.60 -26.87 -8.35
C VAL C 12 -1.39 -28.38 -8.42
N LYS C 13 -2.48 -29.13 -8.43
CA LYS C 13 -2.38 -30.58 -8.59
C LYS C 13 -1.70 -30.91 -9.90
N LYS C 14 -2.11 -30.23 -10.97
CA LYS C 14 -1.59 -30.53 -12.30
C LYS C 14 -0.09 -30.34 -12.28
N VAL C 15 0.35 -29.23 -11.70
CA VAL C 15 1.78 -28.94 -11.62
C VAL C 15 2.52 -29.93 -10.74
N ALA C 16 1.93 -30.23 -9.58
CA ALA C 16 2.53 -31.17 -8.65
C ALA C 16 2.69 -32.54 -9.31
N HIS C 17 1.68 -32.96 -10.05
CA HIS C 17 1.71 -34.26 -10.69
C HIS C 17 2.75 -34.29 -11.79
N HIS C 18 2.87 -33.20 -12.54
CA HIS C 18 3.89 -33.13 -13.56
C HIS C 18 5.27 -33.27 -12.94
N ILE C 19 5.46 -32.62 -11.80
CA ILE C 19 6.72 -32.69 -11.10
C ILE C 19 6.97 -34.11 -10.59
N GLN C 20 5.93 -34.75 -10.07
CA GLN C 20 6.08 -36.08 -9.49
C GLN C 20 6.45 -37.10 -10.56
N LYS C 21 6.15 -36.79 -11.80
CA LYS C 21 6.52 -37.64 -12.92
C LYS C 21 8.03 -37.50 -13.14
N LEU C 22 8.56 -36.35 -12.75
CA LEU C 22 9.95 -36.01 -13.07
C LEU C 22 10.92 -36.38 -11.95
N THR C 23 10.39 -36.63 -10.76
CA THR C 23 11.23 -36.98 -9.62
C THR C 23 10.54 -37.94 -8.67
N SER C 24 11.33 -38.76 -7.99
CA SER C 24 10.81 -39.73 -7.05
C SER C 24 10.98 -39.20 -5.65
N ILE C 25 11.64 -38.05 -5.55
CA ILE C 25 11.84 -37.40 -4.26
C ILE C 25 10.56 -36.75 -3.79
N VAL C 26 10.04 -37.25 -2.66
CA VAL C 26 8.93 -36.59 -2.00
C VAL C 26 9.52 -35.65 -0.95
N PRO C 27 9.48 -34.34 -1.22
CA PRO C 27 10.18 -33.40 -0.34
C PRO C 27 9.44 -33.23 0.98
N GLU C 28 10.20 -33.19 2.07
CA GLU C 28 9.66 -32.93 3.38
C GLU C 28 9.90 -31.47 3.68
N ILE C 29 10.98 -30.95 3.12
CA ILE C 29 11.39 -29.59 3.37
C ILE C 29 11.48 -28.84 2.05
N GLY C 30 10.86 -27.68 2.01
CA GLY C 30 10.98 -26.80 0.88
C GLY C 30 11.95 -25.72 1.29
N ILE C 31 12.85 -25.36 0.38
CA ILE C 31 13.82 -24.32 0.69
C ILE C 31 13.73 -23.29 -0.40
N ILE C 32 13.36 -22.08 -0.03
CA ILE C 32 13.37 -21.00 -0.99
C ILE C 32 14.73 -20.34 -0.93
N CYS C 33 15.48 -20.48 -2.00
CA CYS C 33 16.84 -19.98 -2.07
CA CYS C 33 16.83 -19.96 -2.04
C CYS C 33 16.86 -18.45 -2.17
N GLY C 34 17.31 -17.80 -1.11
CA GLY C 34 17.45 -16.36 -1.12
C GLY C 34 18.91 -16.03 -0.92
N SER C 35 19.16 -14.82 -0.48
CA SER C 35 20.53 -14.39 -0.20
C SER C 35 21.26 -15.42 0.62
N GLY C 36 22.48 -15.75 0.20
CA GLY C 36 23.33 -16.63 0.98
C GLY C 36 23.05 -18.12 0.85
N LEU C 37 22.01 -18.48 0.12
CA LEU C 37 21.68 -19.90 -0.03
C LEU C 37 22.07 -20.49 -1.39
N GLY C 38 22.85 -19.74 -2.17
CA GLY C 38 23.27 -20.22 -3.47
C GLY C 38 24.05 -21.51 -3.41
N LYS C 39 24.87 -21.65 -2.37
CA LYS C 39 25.70 -22.85 -2.22
C LYS C 39 24.90 -24.03 -1.68
N LEU C 40 23.99 -23.75 -0.75
CA LEU C 40 23.10 -24.78 -0.23
C LEU C 40 22.40 -25.45 -1.39
N ALA C 41 21.70 -24.65 -2.20
CA ALA C 41 21.01 -25.15 -3.37
C ALA C 41 21.94 -26.06 -4.17
N ASP C 42 23.18 -25.62 -4.32
CA ASP C 42 24.17 -26.33 -5.12
C ASP C 42 24.61 -27.64 -4.46
N GLY C 43 24.62 -27.67 -3.14
CA GLY C 43 25.13 -28.83 -2.42
C GLY C 43 24.11 -29.92 -2.14
N VAL C 44 22.91 -29.76 -2.68
CA VAL C 44 21.88 -30.78 -2.51
C VAL C 44 22.36 -32.12 -3.05
N LYS C 45 22.16 -33.18 -2.28
CA LYS C 45 22.66 -34.51 -2.63
C LYS C 45 21.72 -35.23 -3.58
N ASP C 46 22.31 -36.00 -4.50
CA ASP C 46 21.53 -36.80 -5.44
C ASP C 46 20.44 -35.96 -6.07
N LYS C 47 20.80 -34.75 -6.49
CA LYS C 47 19.79 -33.79 -6.90
C LYS C 47 19.22 -34.05 -8.29
N ILE C 48 17.93 -33.80 -8.41
CA ILE C 48 17.26 -33.73 -9.69
C ILE C 48 16.96 -32.27 -9.89
N THR C 49 17.44 -31.70 -10.98
CA THR C 49 17.22 -30.29 -11.24
C THR C 49 16.15 -30.13 -12.31
N ILE C 50 15.05 -29.49 -11.98
CA ILE C 50 13.96 -29.31 -12.91
C ILE C 50 13.73 -27.83 -13.18
N PRO C 51 14.10 -27.37 -14.39
CA PRO C 51 13.89 -25.97 -14.75
C PRO C 51 12.41 -25.68 -14.79
N TYR C 52 12.05 -24.48 -14.36
CA TYR C 52 10.66 -24.06 -14.35
C TYR C 52 10.08 -24.16 -15.75
N THR C 53 10.93 -23.94 -16.74
CA THR C 53 10.52 -23.97 -18.14
C THR C 53 10.00 -25.33 -18.53
N LYS C 54 10.37 -26.35 -17.75
CA LYS C 54 10.02 -27.72 -18.08
C LYS C 54 8.79 -28.19 -17.32
N ILE C 55 8.20 -27.29 -16.55
CA ILE C 55 7.01 -27.62 -15.77
C ILE C 55 5.81 -26.83 -16.25
N PRO C 56 4.93 -27.46 -17.05
CA PRO C 56 3.74 -26.77 -17.55
C PRO C 56 2.99 -26.04 -16.44
N ASN C 57 2.66 -24.79 -16.70
CA ASN C 57 1.84 -23.99 -15.77
C ASN C 57 2.57 -23.57 -14.50
N PHE C 58 3.81 -24.03 -14.35
CA PHE C 58 4.63 -23.49 -13.28
C PHE C 58 5.05 -22.08 -13.69
N PRO C 59 5.06 -21.14 -12.74
CA PRO C 59 5.38 -19.78 -13.15
C PRO C 59 6.83 -19.67 -13.62
N GLN C 60 7.07 -18.72 -14.51
CA GLN C 60 8.36 -18.60 -15.16
C GLN C 60 9.13 -17.42 -14.61
N THR C 61 10.39 -17.66 -14.25
CA THR C 61 11.29 -16.59 -13.85
C THR C 61 12.71 -16.96 -14.21
N SER C 62 13.54 -15.95 -14.42
CA SER C 62 14.88 -16.14 -14.90
C SER C 62 15.86 -15.20 -14.26
N VAL C 63 17.12 -15.63 -14.20
CA VAL C 63 18.21 -14.73 -13.89
C VAL C 63 18.94 -14.49 -15.18
N VAL C 64 18.89 -13.26 -15.68
CA VAL C 64 19.44 -12.90 -16.97
C VAL C 64 19.15 -13.99 -18.00
N GLY C 65 17.90 -14.44 -18.06
CA GLY C 65 17.48 -15.37 -19.10
C GLY C 65 17.58 -16.83 -18.72
N HIS C 66 18.28 -17.11 -17.63
CA HIS C 66 18.42 -18.49 -17.16
C HIS C 66 17.27 -18.85 -16.25
N SER C 67 16.48 -19.83 -16.68
CA SER C 67 15.29 -20.22 -15.93
C SER C 67 15.60 -20.60 -14.49
N GLY C 68 14.66 -20.29 -13.62
CA GLY C 68 14.68 -20.79 -12.26
C GLY C 68 14.58 -22.30 -12.34
N ASN C 69 14.93 -22.95 -11.25
CA ASN C 69 14.95 -24.41 -11.17
C ASN C 69 14.33 -24.87 -9.87
N LEU C 70 13.63 -26.00 -9.92
CA LEU C 70 13.26 -26.72 -8.72
C LEU C 70 14.32 -27.79 -8.55
N ILE C 71 14.96 -27.81 -7.39
CA ILE C 71 15.99 -28.80 -7.13
C ILE C 71 15.49 -29.80 -6.10
N PHE C 72 15.41 -31.07 -6.51
CA PHE C 72 15.00 -32.12 -5.60
C PHE C 72 16.18 -32.98 -5.22
N GLY C 73 16.15 -33.49 -4.00
CA GLY C 73 17.18 -34.41 -3.55
C GLY C 73 17.17 -34.41 -2.03
N THR C 74 18.32 -34.65 -1.44
CA THR C 74 18.40 -34.63 0.01
C THR C 74 19.43 -33.62 0.50
N LEU C 75 19.26 -33.24 1.75
CA LEU C 75 20.15 -32.30 2.39
C LEU C 75 20.18 -32.83 3.80
N SER C 76 21.36 -33.14 4.30
CA SER C 76 21.51 -33.72 5.62
C SER C 76 20.54 -34.88 5.81
N GLY C 77 20.38 -35.69 4.77
CA GLY C 77 19.60 -36.90 4.84
C GLY C 77 18.09 -36.70 4.78
N ARG C 78 17.68 -35.45 4.61
CA ARG C 78 16.26 -35.13 4.52
C ARG C 78 15.91 -34.81 3.08
N LYS C 79 14.74 -35.25 2.65
CA LYS C 79 14.29 -34.98 1.30
C LYS C 79 13.80 -33.55 1.16
N VAL C 80 14.39 -32.84 0.20
CA VAL C 80 14.06 -31.44 0.05
C VAL C 80 13.67 -31.11 -1.37
N VAL C 81 12.99 -30.00 -1.52
CA VAL C 81 12.87 -29.36 -2.81
C VAL C 81 13.34 -27.93 -2.61
N VAL C 82 14.27 -27.51 -3.45
CA VAL C 82 14.81 -26.17 -3.37
C VAL C 82 14.26 -25.37 -4.52
N MET C 83 13.71 -24.21 -4.23
CA MET C 83 13.33 -23.29 -5.28
C MET C 83 14.51 -22.41 -5.54
N GLN C 84 15.10 -22.56 -6.72
CA GLN C 84 16.16 -21.68 -7.16
C GLN C 84 15.55 -20.76 -8.19
N GLY C 85 15.17 -19.55 -7.74
CA GLY C 85 14.46 -18.62 -8.58
C GLY C 85 13.13 -18.29 -7.95
N ARG C 86 13.01 -17.08 -7.41
CA ARG C 86 11.81 -16.70 -6.70
C ARG C 86 11.00 -15.74 -7.52
N PHE C 87 9.79 -15.48 -7.05
CA PHE C 87 8.86 -14.62 -7.77
C PHE C 87 8.57 -13.41 -6.91
N HIS C 88 9.44 -12.41 -7.02
CA HIS C 88 9.33 -11.23 -6.19
C HIS C 88 8.28 -10.31 -6.76
N MET C 89 7.48 -9.75 -5.87
CA MET C 89 6.33 -8.97 -6.27
C MET C 89 6.72 -7.71 -7.04
N TYR C 90 7.90 -7.16 -6.76
CA TYR C 90 8.33 -5.96 -7.46
C TYR C 90 8.58 -6.23 -8.94
N GLU C 91 8.70 -7.51 -9.30
CA GLU C 91 8.86 -7.90 -10.70
C GLU C 91 7.54 -7.85 -11.43
N GLY C 92 6.45 -7.70 -10.68
CA GLY C 92 5.13 -7.61 -11.26
C GLY C 92 4.41 -8.93 -11.31
N TYR C 93 4.98 -9.96 -10.67
CA TYR C 93 4.31 -11.25 -10.59
C TYR C 93 3.01 -11.14 -9.83
N SER C 94 2.03 -11.95 -10.23
CA SER C 94 0.72 -11.94 -9.60
C SER C 94 0.75 -12.76 -8.32
N ASN C 95 -0.28 -12.58 -7.50
CA ASN C 95 -0.45 -13.34 -6.28
C ASN C 95 -0.44 -14.83 -6.57
N ASP C 96 -1.14 -15.22 -7.63
CA ASP C 96 -1.25 -16.62 -8.01
C ASP C 96 0.08 -17.19 -8.43
N THR C 97 0.86 -16.40 -9.15
CA THR C 97 2.19 -16.82 -9.57
C THR C 97 3.04 -17.10 -8.35
N VAL C 98 3.04 -16.17 -7.40
CA VAL C 98 3.87 -16.33 -6.21
C VAL C 98 3.37 -17.50 -5.36
N ALA C 99 2.06 -17.63 -5.27
CA ALA C 99 1.47 -18.64 -4.41
C ALA C 99 1.64 -20.05 -4.95
N LEU C 100 1.55 -20.21 -6.27
CA LEU C 100 1.45 -21.54 -6.84
C LEU C 100 2.60 -22.48 -6.43
N PRO C 101 3.84 -22.01 -6.55
CA PRO C 101 4.94 -22.90 -6.18
C PRO C 101 4.85 -23.39 -4.74
N ILE C 102 4.35 -22.54 -3.84
CA ILE C 102 4.28 -22.89 -2.43
C ILE C 102 3.20 -23.93 -2.22
N ARG C 103 2.08 -23.73 -2.89
CA ARG C 103 0.98 -24.68 -2.84
C ARG C 103 1.35 -25.99 -3.53
N VAL C 104 2.19 -25.91 -4.56
CA VAL C 104 2.74 -27.12 -5.14
C VAL C 104 3.56 -27.86 -4.10
N MET C 105 4.44 -27.15 -3.41
CA MET C 105 5.22 -27.75 -2.33
C MET C 105 4.32 -28.46 -1.35
N LYS C 106 3.21 -27.82 -1.00
CA LYS C 106 2.26 -28.42 -0.08
C LYS C 106 1.81 -29.79 -0.59
N LEU C 107 1.34 -29.84 -1.83
CA LEU C 107 0.87 -31.10 -2.40
C LEU C 107 1.99 -32.11 -2.56
N LEU C 108 3.21 -31.63 -2.80
CA LEU C 108 4.35 -32.53 -2.96
C LEU C 108 4.75 -33.19 -1.64
N GLY C 109 4.35 -32.58 -0.54
CA GLY C 109 4.56 -33.18 0.77
C GLY C 109 5.42 -32.34 1.69
N VAL C 110 5.71 -31.11 1.28
CA VAL C 110 6.53 -30.23 2.08
C VAL C 110 5.82 -29.89 3.39
N LYS C 111 6.54 -30.00 4.50
CA LYS C 111 5.96 -29.74 5.80
C LYS C 111 6.59 -28.49 6.41
N ILE C 112 7.82 -28.24 6.01
CA ILE C 112 8.56 -27.10 6.51
C ILE C 112 9.14 -26.35 5.34
N LEU C 113 8.96 -25.04 5.34
CA LEU C 113 9.60 -24.20 4.36
C LEU C 113 10.70 -23.43 5.04
N MET C 114 11.90 -23.47 4.46
CA MET C 114 12.98 -22.61 4.93
C MET C 114 13.29 -21.60 3.86
N VAL C 115 13.43 -20.34 4.26
CA VAL C 115 13.62 -19.27 3.30
C VAL C 115 14.69 -18.35 3.83
N SER C 116 15.59 -17.92 2.94
CA SER C 116 16.48 -16.83 3.28
C SER C 116 16.11 -15.64 2.41
N ASN C 117 16.54 -14.47 2.83
CA ASN C 117 16.47 -13.32 1.96
C ASN C 117 17.54 -12.35 2.39
N ALA C 118 17.75 -11.34 1.55
CA ALA C 118 18.62 -10.25 1.91
C ALA C 118 17.73 -9.18 2.51
N ALA C 119 18.22 -8.48 3.53
CA ALA C 119 17.46 -7.39 4.09
C ALA C 119 18.40 -6.31 4.59
N GLY C 120 17.87 -5.09 4.69
CA GLY C 120 18.60 -3.99 5.28
C GLY C 120 18.41 -4.04 6.77
N GLY C 121 19.48 -3.78 7.50
CA GLY C 121 19.41 -3.76 8.95
C GLY C 121 18.89 -2.41 9.40
N LEU C 122 17.67 -2.41 9.92
CA LEU C 122 17.10 -1.20 10.51
C LEU C 122 17.54 -1.11 11.95
N ASN C 123 17.34 -2.20 12.68
CA ASN C 123 17.75 -2.26 14.07
C ASN C 123 19.22 -1.85 14.16
N ARG C 124 19.51 -0.86 15.00
CA ARG C 124 20.83 -0.24 15.01
C ARG C 124 21.91 -1.11 15.63
N SER C 125 21.51 -2.21 16.25
CA SER C 125 22.48 -3.12 16.83
C SER C 125 22.94 -4.16 15.80
N LEU C 126 22.23 -4.25 14.70
CA LEU C 126 22.59 -5.22 13.68
C LEU C 126 23.90 -4.86 13.01
N LYS C 127 24.65 -5.88 12.64
CA LYS C 127 25.88 -5.69 11.90
C LYS C 127 25.74 -6.34 10.53
N LEU C 128 26.49 -5.81 9.58
CA LEU C 128 26.65 -6.42 8.27
C LEU C 128 26.92 -7.91 8.46
N GLY C 129 26.17 -8.74 7.74
CA GLY C 129 26.42 -10.17 7.76
C GLY C 129 25.69 -10.90 8.86
N ASP C 130 24.97 -10.16 9.71
CA ASP C 130 24.17 -10.78 10.75
C ASP C 130 23.06 -11.61 10.12
N PHE C 131 22.65 -12.65 10.82
CA PHE C 131 21.48 -13.41 10.42
C PHE C 131 20.37 -12.95 11.32
N VAL C 132 19.29 -12.46 10.74
CA VAL C 132 18.13 -12.13 11.53
C VAL C 132 17.05 -13.13 11.20
N ILE C 133 16.88 -14.11 12.08
CA ILE C 133 15.79 -15.03 11.95
C ILE C 133 14.51 -14.22 12.10
N LEU C 134 13.58 -14.38 11.17
CA LEU C 134 12.30 -13.70 11.29
C LEU C 134 11.54 -14.36 12.40
N LYS C 135 11.09 -13.56 13.36
CA LYS C 135 10.17 -14.08 14.35
C LYS C 135 8.80 -13.50 14.11
N ASP C 136 8.77 -12.46 13.28
CA ASP C 136 7.50 -11.84 12.92
C ASP C 136 7.73 -10.97 11.73
N HIS C 137 6.65 -10.44 11.17
CA HIS C 137 6.81 -9.56 10.04
C HIS C 137 5.78 -8.48 10.05
N ILE C 138 6.04 -7.46 9.25
CA ILE C 138 5.06 -6.44 8.98
C ILE C 138 4.94 -6.41 7.46
N TYR C 139 3.76 -6.77 7.00
CA TYR C 139 3.50 -6.97 5.59
C TYR C 139 2.87 -5.71 5.03
N LEU C 140 3.70 -4.71 4.72
CA LEU C 140 3.15 -3.43 4.32
C LEU C 140 2.20 -3.60 3.12
N PRO C 141 2.63 -4.32 2.08
CA PRO C 141 1.68 -4.52 0.97
C PRO C 141 0.39 -5.19 1.41
N GLY C 142 0.48 -6.11 2.38
CA GLY C 142 -0.71 -6.83 2.84
C GLY C 142 -1.67 -5.91 3.56
N LEU C 143 -1.12 -5.03 4.39
CA LEU C 143 -1.94 -4.09 5.14
C LEU C 143 -2.61 -3.14 4.17
N GLY C 144 -1.89 -2.83 3.09
CA GLY C 144 -2.53 -2.14 2.00
C GLY C 144 -3.50 -3.17 1.46
N LEU C 145 -3.82 -3.10 0.19
CA LEU C 145 -4.69 -4.09 -0.38
C LEU C 145 -3.91 -4.98 -1.31
N ASN C 146 -2.65 -5.21 -0.98
CA ASN C 146 -1.81 -6.05 -1.82
C ASN C 146 -1.34 -7.31 -1.13
N ASN C 147 -2.14 -7.78 -0.18
CA ASN C 147 -1.87 -9.06 0.44
C ASN C 147 -1.99 -10.14 -0.64
N ILE C 148 -1.04 -11.07 -0.65
CA ILE C 148 -1.03 -12.12 -1.66
C ILE C 148 -2.33 -12.95 -1.65
N LEU C 149 -3.03 -12.95 -0.53
CA LEU C 149 -4.26 -13.74 -0.41
C LEU C 149 -5.50 -13.00 -0.90
N VAL C 150 -5.35 -11.74 -1.29
CA VAL C 150 -6.47 -10.98 -1.82
C VAL C 150 -7.04 -11.69 -3.04
N GLY C 151 -8.36 -11.77 -3.09
CA GLY C 151 -9.05 -12.48 -4.14
C GLY C 151 -9.82 -13.62 -3.51
N PRO C 152 -10.57 -14.37 -4.34
CA PRO C 152 -11.28 -15.54 -3.84
C PRO C 152 -10.30 -16.42 -3.06
N ASN C 153 -10.74 -16.92 -1.91
CA ASN C 153 -9.91 -17.83 -1.16
C ASN C 153 -9.95 -19.21 -1.80
N GLN C 154 -8.78 -19.82 -1.92
CA GLN C 154 -8.70 -21.20 -2.37
C GLN C 154 -8.84 -22.08 -1.14
N GLU C 155 -10.07 -22.47 -0.86
CA GLU C 155 -10.39 -23.20 0.36
C GLU C 155 -9.59 -24.50 0.45
N ALA C 156 -9.30 -25.08 -0.71
CA ALA C 156 -8.50 -26.30 -0.78
C ALA C 156 -7.18 -26.14 -0.03
N PHE C 157 -6.67 -24.92 0.07
CA PHE C 157 -5.35 -24.72 0.66
C PHE C 157 -5.39 -24.12 2.05
N GLY C 158 -6.40 -23.31 2.32
CA GLY C 158 -6.42 -22.66 3.60
C GLY C 158 -7.67 -21.86 3.81
N THR C 159 -7.76 -21.28 5.00
CA THR C 159 -8.95 -20.57 5.41
C THR C 159 -8.96 -19.16 4.85
N ARG C 160 -10.14 -18.55 4.84
CA ARG C 160 -10.30 -17.21 4.30
C ARG C 160 -9.49 -16.16 5.06
N PHE C 161 -9.51 -16.25 6.38
CA PHE C 161 -8.79 -15.29 7.21
C PHE C 161 -7.74 -15.99 8.02
N PRO C 162 -6.60 -16.28 7.41
CA PRO C 162 -5.54 -16.98 8.12
C PRO C 162 -4.97 -16.11 9.24
N ALA C 163 -4.77 -16.69 10.41
CA ALA C 163 -4.03 -16.02 11.45
C ALA C 163 -2.54 -16.23 11.16
N LEU C 164 -1.70 -15.31 11.63
CA LEU C 164 -0.27 -15.44 11.44
C LEU C 164 0.42 -15.43 12.80
N SER C 165 -0.24 -16.01 13.79
CA SER C 165 0.18 -16.00 15.19
C SER C 165 1.65 -16.40 15.43
N ASN C 166 1.98 -17.60 14.98
CA ASN C 166 3.28 -18.24 15.14
C ASN C 166 3.73 -18.57 13.73
N ALA C 167 3.68 -17.57 12.86
CA ALA C 167 4.01 -17.74 11.46
C ALA C 167 5.44 -18.23 11.32
N TYR C 168 6.33 -17.67 12.14
CA TYR C 168 7.73 -18.07 12.14
C TYR C 168 7.89 -19.03 13.27
N ASP C 169 7.67 -20.29 12.95
CA ASP C 169 7.55 -21.34 13.94
C ASP C 169 8.58 -21.17 15.04
N ARG C 170 8.11 -21.03 16.27
CA ARG C 170 9.02 -20.72 17.36
C ARG C 170 9.97 -21.89 17.63
N ASP C 171 9.51 -23.10 17.40
CA ASP C 171 10.35 -24.28 17.58
C ASP C 171 11.48 -24.32 16.57
N LEU C 172 11.16 -23.96 15.33
CA LEU C 172 12.20 -23.92 14.32
C LEU C 172 13.18 -22.79 14.63
N ARG C 173 12.67 -21.66 15.11
CA ARG C 173 13.55 -20.56 15.49
C ARG C 173 14.49 -21.01 16.60
N LYS C 174 13.94 -21.70 17.58
CA LYS C 174 14.75 -22.17 18.70
C LYS C 174 15.83 -23.13 18.20
N LEU C 175 15.45 -23.99 17.27
CA LEU C 175 16.40 -24.96 16.72
C LEU C 175 17.51 -24.27 15.94
N ALA C 176 17.13 -23.29 15.14
CA ALA C 176 18.10 -22.58 14.33
C ALA C 176 19.10 -21.88 15.22
N VAL C 177 18.60 -21.25 16.28
CA VAL C 177 19.46 -20.56 17.22
C VAL C 177 20.38 -21.55 17.91
N GLN C 178 19.82 -22.67 18.36
CA GLN C 178 20.61 -23.70 19.00
C GLN C 178 21.73 -24.20 18.08
N VAL C 179 21.40 -24.43 16.81
CA VAL C 179 22.37 -24.93 15.85
C VAL C 179 23.47 -23.90 15.60
N ALA C 180 23.09 -22.63 15.50
CA ALA C 180 24.07 -21.56 15.41
C ALA C 180 24.96 -21.57 16.65
N GLU C 181 24.33 -21.62 17.82
CA GLU C 181 25.08 -21.59 19.07
C GLU C 181 26.08 -22.74 19.13
N GLU C 182 25.59 -23.95 18.92
CA GLU C 182 26.41 -25.15 19.01
C GLU C 182 27.57 -25.11 18.04
N ASN C 183 27.39 -24.40 16.94
CA ASN C 183 28.39 -24.39 15.89
C ASN C 183 29.24 -23.12 15.90
N GLY C 184 29.10 -22.35 16.98
CA GLY C 184 30.01 -21.26 17.24
C GLY C 184 29.74 -19.96 16.51
N PHE C 185 28.56 -19.82 15.92
CA PHE C 185 28.22 -18.54 15.31
C PHE C 185 26.89 -17.99 15.82
N GLY C 186 26.52 -18.39 17.04
CA GLY C 186 25.35 -17.85 17.68
C GLY C 186 25.38 -16.33 17.74
N ASN C 187 26.59 -15.77 17.80
CA ASN C 187 26.75 -14.32 17.90
C ASN C 187 26.26 -13.58 16.66
N LEU C 188 26.21 -14.28 15.53
CA LEU C 188 25.74 -13.68 14.29
C LEU C 188 24.23 -13.73 14.21
N VAL C 189 23.63 -14.57 15.03
CA VAL C 189 22.22 -14.87 14.87
C VAL C 189 21.38 -13.99 15.78
N HIS C 190 20.42 -13.30 15.16
CA HIS C 190 19.49 -12.48 15.90
C HIS C 190 18.10 -12.93 15.51
N GLN C 191 17.10 -12.40 16.21
CA GLN C 191 15.73 -12.65 15.81
C GLN C 191 15.05 -11.31 15.68
N GLY C 192 14.19 -11.18 14.70
CA GLY C 192 13.67 -9.86 14.44
C GLY C 192 12.42 -9.81 13.63
N VAL C 193 11.90 -8.60 13.50
CA VAL C 193 10.71 -8.36 12.74
C VAL C 193 11.16 -7.87 11.39
N TYR C 194 10.72 -8.57 10.37
CA TYR C 194 11.04 -8.24 8.99
C TYR C 194 9.87 -7.46 8.43
N VAL C 195 10.15 -6.33 7.82
CA VAL C 195 9.11 -5.59 7.17
C VAL C 195 9.36 -5.63 5.68
N MET C 196 8.28 -5.84 4.95
CA MET C 196 8.39 -5.89 3.51
C MET C 196 8.04 -4.56 2.92
N ASN C 197 9.00 -4.04 2.17
CA ASN C 197 8.76 -2.93 1.27
C ASN C 197 8.53 -3.58 -0.08
N GLY C 198 7.38 -3.31 -0.68
CA GLY C 198 7.08 -3.85 -2.01
C GLY C 198 8.22 -3.64 -2.98
N GLY C 199 8.91 -2.51 -2.87
CA GLY C 199 10.08 -2.25 -3.70
C GLY C 199 9.67 -1.87 -5.11
N PRO C 200 10.63 -1.82 -6.04
CA PRO C 200 12.02 -2.28 -5.90
C PRO C 200 13.02 -1.21 -5.46
N CYS C 201 12.56 -0.01 -5.14
CA CYS C 201 13.43 0.99 -4.57
C CYS C 201 13.88 0.55 -3.21
N TYR C 202 15.15 0.78 -2.92
CA TYR C 202 15.59 0.69 -1.54
C TYR C 202 14.82 1.76 -0.77
N GLU C 203 14.78 1.62 0.54
CA GLU C 203 14.01 2.55 1.35
C GLU C 203 14.78 3.83 1.51
N THR C 204 14.06 4.95 1.53
CA THR C 204 14.69 6.24 1.77
C THR C 204 15.05 6.27 3.24
N PRO C 205 15.92 7.21 3.62
CA PRO C 205 16.26 7.32 5.04
C PRO C 205 15.03 7.58 5.88
N ALA C 206 14.11 8.40 5.37
CA ALA C 206 12.89 8.72 6.11
C ALA C 206 12.06 7.45 6.28
N GLU C 207 11.96 6.67 5.21
CA GLU C 207 11.24 5.41 5.27
C GLU C 207 11.88 4.44 6.25
N CYS C 208 13.19 4.31 6.19
CA CYS C 208 13.91 3.45 7.12
C CYS C 208 13.68 3.89 8.56
N THR C 209 13.73 5.19 8.77
CA THR C 209 13.56 5.74 10.11
C THR C 209 12.16 5.41 10.58
N MET C 210 11.19 5.59 9.69
CA MET C 210 9.81 5.25 10.00
C MET C 210 9.70 3.77 10.33
N LEU C 211 10.30 2.92 9.49
CA LEU C 211 10.14 1.49 9.66
C LEU C 211 10.78 1.04 10.96
N LEU C 212 11.95 1.60 11.26
CA LEU C 212 12.62 1.30 12.49
C LEU C 212 11.71 1.67 13.66
N ASN C 213 11.08 2.83 13.56
CA ASN C 213 10.22 3.29 14.65
C ASN C 213 8.93 2.49 14.76
N MET C 214 8.58 1.77 13.69
CA MET C 214 7.42 0.89 13.68
CA MET C 214 7.40 0.92 13.76
C MET C 214 7.73 -0.42 14.41
N GLY C 215 8.99 -0.61 14.77
CA GLY C 215 9.41 -1.84 15.42
C GLY C 215 9.98 -2.84 14.44
N CYS C 216 10.43 -2.38 13.29
CA CYS C 216 11.01 -3.26 12.29
C CYS C 216 12.50 -3.38 12.52
N ASP C 217 13.03 -4.60 12.43
CA ASP C 217 14.46 -4.79 12.62
C ASP C 217 15.21 -4.87 11.31
N VAL C 218 14.56 -5.48 10.32
CA VAL C 218 15.14 -5.61 8.99
C VAL C 218 14.09 -5.32 7.94
N VAL C 219 14.54 -4.89 6.77
CA VAL C 219 13.61 -4.57 5.70
C VAL C 219 14.05 -5.24 4.42
N GLY C 220 13.10 -5.90 3.76
CA GLY C 220 13.38 -6.54 2.51
C GLY C 220 12.18 -6.37 1.60
N MET C 221 12.27 -6.94 0.41
CA MET C 221 11.19 -6.79 -0.56
C MET C 221 10.58 -8.13 -0.93
N SER C 222 10.87 -9.13 -0.11
CA SER C 222 10.50 -10.48 -0.48
C SER C 222 9.88 -11.24 0.67
N THR C 223 9.62 -12.51 0.42
CA THR C 223 9.47 -13.51 1.48
C THR C 223 8.11 -13.56 2.15
N ILE C 224 7.61 -12.43 2.62
CA ILE C 224 6.33 -12.43 3.32
CA ILE C 224 6.33 -12.43 3.32
C ILE C 224 5.23 -13.09 2.50
N PRO C 225 5.13 -12.72 1.20
CA PRO C 225 4.05 -13.34 0.42
C PRO C 225 4.16 -14.88 0.44
N GLU C 226 5.36 -15.40 0.22
CA GLU C 226 5.56 -16.84 0.29
C GLU C 226 5.19 -17.37 1.66
N VAL C 227 5.62 -16.66 2.70
CA VAL C 227 5.33 -17.08 4.06
C VAL C 227 3.83 -17.12 4.30
N VAL C 228 3.13 -16.09 3.85
CA VAL C 228 1.69 -16.04 4.03
C VAL C 228 1.05 -17.26 3.36
N ILE C 229 1.45 -17.55 2.13
CA ILE C 229 0.92 -18.69 1.41
C ILE C 229 1.26 -19.99 2.14
N ALA C 230 2.52 -20.11 2.55
CA ALA C 230 2.95 -21.27 3.32
C ALA C 230 2.09 -21.45 4.58
N ARG C 231 1.93 -20.38 5.36
CA ARG C 231 1.14 -20.47 6.58
C ARG C 231 -0.31 -20.78 6.26
N HIS C 232 -0.82 -20.16 5.20
CA HIS C 232 -2.19 -20.37 4.80
C HIS C 232 -2.46 -21.87 4.57
N CYS C 233 -1.50 -22.56 3.97
CA CYS C 233 -1.70 -23.98 3.70
C CYS C 233 -1.03 -24.88 4.72
N GLY C 234 -0.57 -24.29 5.82
CA GLY C 234 -0.20 -25.05 6.98
C GLY C 234 1.22 -25.59 6.94
N ILE C 235 2.06 -24.96 6.13
CA ILE C 235 3.46 -25.31 6.11
C ILE C 235 4.17 -24.48 7.18
N GLN C 236 4.94 -25.13 8.03
CA GLN C 236 5.71 -24.40 9.03
C GLN C 236 6.80 -23.64 8.31
N VAL C 237 7.12 -22.47 8.82
CA VAL C 237 8.07 -21.61 8.16
C VAL C 237 9.24 -21.26 9.06
N PHE C 238 10.43 -21.35 8.48
CA PHE C 238 11.62 -20.80 9.06
C PHE C 238 12.19 -19.85 8.03
N ALA C 239 12.44 -18.62 8.45
CA ALA C 239 12.91 -17.62 7.50
C ALA C 239 13.99 -16.82 8.18
N VAL C 240 15.04 -16.51 7.42
CA VAL C 240 16.14 -15.76 7.98
C VAL C 240 16.50 -14.69 6.97
N SER C 241 16.70 -13.48 7.49
CA SER C 241 17.24 -12.41 6.68
C SER C 241 18.73 -12.33 6.93
N LEU C 242 19.48 -12.26 5.85
CA LEU C 242 20.88 -11.94 5.96
C LEU C 242 20.95 -10.42 5.85
N VAL C 243 21.53 -9.78 6.86
CA VAL C 243 21.71 -8.35 6.85
C VAL C 243 22.83 -8.01 5.88
N THR C 244 22.45 -7.60 4.68
CA THR C 244 23.42 -7.38 3.62
C THR C 244 23.88 -5.95 3.56
N ASN C 245 23.23 -5.12 4.36
CA ASN C 245 23.56 -3.71 4.39
C ASN C 245 22.85 -3.10 5.58
N ILE C 246 23.46 -2.06 6.14
CA ILE C 246 22.86 -1.39 7.26
C ILE C 246 22.02 -0.27 6.71
N SER C 247 20.73 -0.27 7.06
CA SER C 247 19.84 0.74 6.53
C SER C 247 20.33 2.13 6.88
N VAL C 248 20.28 3.01 5.89
CA VAL C 248 20.68 4.40 6.13
C VAL C 248 19.46 5.19 6.55
N LEU C 249 19.54 5.78 7.75
CA LEU C 249 18.42 6.51 8.32
C LEU C 249 18.62 8.00 8.16
N ASP C 250 19.80 8.37 7.70
CA ASP C 250 20.24 9.75 7.69
C ASP C 250 20.34 10.21 6.25
N VAL C 251 19.54 11.21 5.91
CA VAL C 251 19.51 11.72 4.55
C VAL C 251 20.82 12.42 4.19
N GLU C 252 21.60 12.76 5.22
CA GLU C 252 22.88 13.41 5.01
C GLU C 252 23.96 12.44 4.54
N SER C 253 23.78 11.16 4.84
CA SER C 253 24.77 10.15 4.46
C SER C 253 24.99 10.14 2.96
N ASP C 254 26.22 9.87 2.55
CA ASP C 254 26.53 9.66 1.14
C ASP C 254 26.52 8.16 0.85
N LEU C 255 26.49 7.37 1.91
CA LEU C 255 26.43 5.91 1.79
C LEU C 255 25.05 5.50 1.29
N LYS C 256 25.02 4.66 0.27
CA LYS C 256 23.74 4.26 -0.33
C LYS C 256 23.64 2.76 -0.51
N PRO C 257 22.43 2.21 -0.32
CA PRO C 257 22.24 0.78 -0.54
C PRO C 257 22.50 0.47 -2.01
N ASN C 258 23.02 -0.70 -2.29
CA ASN C 258 23.25 -1.11 -3.66
C ASN C 258 23.20 -2.62 -3.74
N HIS C 259 22.63 -3.13 -4.83
CA HIS C 259 22.43 -4.56 -4.96
C HIS C 259 23.76 -5.30 -4.99
N GLU C 260 24.81 -4.63 -5.45
CA GLU C 260 26.11 -5.29 -5.53
C GLU C 260 26.63 -5.70 -4.15
N GLU C 261 26.55 -4.79 -3.19
CA GLU C 261 27.02 -5.10 -1.83
C GLU C 261 26.05 -6.08 -1.17
N VAL C 262 24.80 -6.01 -1.57
CA VAL C 262 23.80 -6.99 -1.17
C VAL C 262 24.20 -8.38 -1.66
N LEU C 263 24.55 -8.47 -2.94
CA LEU C 263 25.00 -9.74 -3.51
C LEU C 263 26.31 -10.18 -2.88
N ALA C 264 27.18 -9.22 -2.63
CA ALA C 264 28.51 -9.51 -2.10
C ALA C 264 28.38 -10.13 -0.70
N THR C 265 27.51 -9.58 0.11
CA THR C 265 27.36 -10.10 1.46
C THR C 265 26.75 -11.48 1.40
N GLY C 266 25.77 -11.66 0.52
CA GLY C 266 25.15 -12.95 0.33
C GLY C 266 26.19 -13.97 -0.08
N ALA C 267 27.02 -13.60 -1.04
CA ALA C 267 28.06 -14.50 -1.54
C ALA C 267 29.05 -14.84 -0.42
N GLN C 268 29.39 -13.85 0.39
CA GLN C 268 30.38 -14.04 1.44
C GLN C 268 29.86 -14.92 2.58
N ARG C 269 28.56 -14.81 2.86
CA ARG C 269 27.96 -15.54 3.96
C ARG C 269 27.36 -16.87 3.52
N ALA C 270 27.43 -17.15 2.22
CA ALA C 270 26.77 -18.30 1.63
C ALA C 270 27.26 -19.61 2.25
N GLU C 271 28.56 -19.73 2.42
CA GLU C 271 29.14 -20.95 2.94
C GLU C 271 28.63 -21.19 4.37
N LEU C 272 28.59 -20.14 5.17
CA LEU C 272 28.14 -20.27 6.55
C LEU C 272 26.64 -20.55 6.58
N MET C 273 25.89 -19.83 5.75
CA MET C 273 24.46 -20.00 5.70
C MET C 273 24.09 -21.40 5.24
N GLN C 274 24.82 -21.91 4.25
CA GLN C 274 24.64 -23.30 3.81
C GLN C 274 24.88 -24.25 4.98
N SER C 275 26.04 -24.13 5.61
CA SER C 275 26.36 -24.97 6.74
C SER C 275 25.23 -24.91 7.77
N TRP C 276 24.78 -23.69 8.06
CA TRP C 276 23.75 -23.49 9.07
C TRP C 276 22.46 -24.23 8.69
N PHE C 277 21.99 -23.98 7.48
CA PHE C 277 20.78 -24.62 7.01
C PHE C 277 20.93 -26.14 7.00
N GLU C 278 22.06 -26.63 6.51
CA GLU C 278 22.27 -28.07 6.49
C GLU C 278 22.20 -28.63 7.90
N LYS C 279 22.79 -27.93 8.86
CA LYS C 279 22.81 -28.42 10.23
C LYS C 279 21.46 -28.30 10.92
N ILE C 280 20.69 -27.29 10.54
CA ILE C 280 19.31 -27.22 11.01
C ILE C 280 18.52 -28.39 10.46
N ILE C 281 18.63 -28.60 9.16
CA ILE C 281 17.86 -29.64 8.50
C ILE C 281 18.16 -30.98 9.15
N GLU C 282 19.43 -31.20 9.45
CA GLU C 282 19.87 -32.43 10.09
C GLU C 282 19.14 -32.65 11.41
N LYS C 283 18.74 -31.56 12.06
CA LYS C 283 18.15 -31.68 13.39
C LYS C 283 16.65 -31.45 13.43
N LEU C 284 16.05 -31.24 12.26
CA LEU C 284 14.61 -31.04 12.21
C LEU C 284 13.89 -32.28 12.74
N PRO C 285 12.88 -32.10 13.59
CA PRO C 285 12.19 -33.19 14.28
C PRO C 285 11.76 -34.31 13.36
N1 HPA D . -3.17 16.16 1.65
C2 HPA D . -2.88 15.46 0.42
N3 HPA D . -2.65 16.16 -0.70
C4 HPA D . -2.67 17.50 -0.67
C5 HPA D . -2.94 18.18 0.54
C6 HPA D . -3.18 17.47 1.69
O6 HPA D . -3.44 18.13 2.88
N7 HPA D . -2.91 19.60 0.29
C8 HPA D . -2.56 19.81 -1.12
N9 HPA D . -2.48 18.50 -1.72
S SO4 E . 0.12 18.96 -7.25
O1 SO4 E . 0.90 18.00 -8.01
O2 SO4 E . 0.26 18.68 -5.82
O3 SO4 E . -1.28 18.84 -7.64
O4 SO4 E . 0.59 20.32 -7.52
S SO4 F . 0.80 1.00 3.06
O1 SO4 F . 2.21 1.33 3.06
O2 SO4 F . 0.55 -0.06 4.04
O3 SO4 F . 0.41 0.52 1.73
O4 SO4 F . 0.01 2.18 3.40
S DMS G . 8.40 1.09 -14.64
O DMS G . 9.26 0.75 -15.99
C1 DMS G . 7.34 2.51 -14.97
C2 DMS G . 7.27 -0.30 -14.28
N1 HPA H . -8.10 -8.06 12.43
C2 HPA H . -8.76 -7.77 11.18
N3 HPA H . -10.09 -7.94 11.07
C4 HPA H . -10.80 -8.38 12.12
C5 HPA H . -10.16 -8.66 13.34
C6 HPA H . -8.80 -8.48 13.45
O6 HPA H . -8.16 -8.76 14.67
N7 HPA H . -11.15 -9.10 14.28
C8 HPA H . -12.42 -9.25 13.57
N9 HPA H . -12.23 -8.66 12.28
S DMS I . -14.80 5.43 -7.60
O DMS I . -15.89 6.08 -8.66
C1 DMS I . -15.54 3.95 -6.87
C2 DMS I . -13.31 4.91 -8.51
N1 HPA J . 16.02 -2.74 1.69
C2 HPA J . 15.11 -3.59 0.98
N3 HPA J . 15.54 -4.78 0.51
C4 HPA J . 16.80 -5.17 0.73
C5 HPA J . 17.69 -4.33 1.43
C6 HPA J . 17.26 -3.11 1.90
O6 HPA J . 18.11 -2.28 2.60
N7 HPA J . 18.97 -5.01 1.54
C8 HPA J . 18.79 -6.36 1.01
N9 HPA J . 17.51 -6.38 0.35
S SO4 K . 16.17 -12.07 -1.56
O1 SO4 K . 17.33 -12.93 -1.29
O2 SO4 K . 14.95 -12.76 -1.14
O3 SO4 K . 16.09 -11.79 -2.98
O4 SO4 K . 16.29 -10.82 -0.82
S DMS L . -4.39 -16.49 -3.49
O DMS L . -5.09 -17.91 -3.92
C1 DMS L . -2.67 -16.51 -4.07
C2 DMS L . -5.25 -15.12 -4.28
#